data_5CJM
#
_entry.id   5CJM
#
_cell.length_a   80.775
_cell.length_b   80.775
_cell.length_c   226.597
_cell.angle_alpha   90.00
_cell.angle_beta   90.00
_cell.angle_gamma   90.00
#
_symmetry.space_group_name_H-M   'P 43 21 2'
#
loop_
_entity.id
_entity.type
_entity.pdbx_description
1 polymer 'Malate synthase G'
2 non-polymer 'MAGNESIUM ION'
3 non-polymer '4H-THIENO[3,2-B]PYROLE-5-CARBOXYLIC ACID'
4 water water
#
_entity_poly.entity_id   1
_entity_poly.type   'polypeptide(L)'
_entity_poly.pdbx_seq_one_letter_code
;MTDRVSVGNLRIARVLYDFVNNEALPGTDIDPDSFWAGVDKVVADLTPQNQALLNARDELQAQIDKWHRRRVIEPIDMDA
YRQFLTEIGYLLPEPDDFTITTSGVDAEITTTAGPQLVVPVLNARFALNAANARWGSLYDALYGTDVIPETDGAEKGPTY
NKVRGDKVIAYARKFLDDSVPLSSGSFGDATGFTVQDGQLVVALPDKSTGLANPGQFAGYTGAAESPTSVLLINHGLHIE
ILIDPESQVGTTDRAGVKDVILESAITTIMDFEDSVAAVDAADKVLGYRNWLGLNKGDLAAAVDKDGTAFLRVLNRDRNY
TAPGGGQFTLPGRSLMFVRNVGHLMTNDAIVDTDGSEVFEGIMDALFTGLIAIHGLKASDVNGPLINSRTGSIYIVKPKM
HGPAEVAFT(CSO)ELFSRVEDVLGLPQNTMKIGIMDEERRTTVNLKACIKAAADRVVFINTGFLDRTGDEIHTSMEAGP
MVRKGTMKSQPWILAYEDHNVDAGLAAGFSGRAQVGKGMWTMTELMADMVETKIAQPRAGASTAWVPSPTAATLHALHYH
QVDVAAVQQGLAGKRRATIEQLLTIPLAKELAWAPDEIREEVDNNCQSILGYVVRWVDQGVGASKVPDIHDVALMEDRAT
LRISSQLLANWLRHGVITSADVRASLERMAPLVDRQNAGDVAYRPMAPNFDDSIAFLAAQELILSGAQQPNGYTEPILHR
RRREFKARAAEKPAPSDRAGDDAAR
;
_entity_poly.pdbx_strand_id   A
#
loop_
_chem_comp.id
_chem_comp.type
_chem_comp.name
_chem_comp.formula
4WL non-polymer '4H-THIENO[3,2-B]PYROLE-5-CARBOXYLIC ACID' 'C7 H5 N O2 S'
MG non-polymer 'MAGNESIUM ION' 'Mg 2'
#
# COMPACT_ATOMS: atom_id res chain seq x y z
N THR A 2 -20.18 -4.74 32.58
CA THR A 2 -19.89 -4.54 31.17
C THR A 2 -20.23 -3.12 30.70
N ASP A 3 -19.69 -2.73 29.56
CA ASP A 3 -19.92 -1.38 29.02
C ASP A 3 -20.35 -1.45 27.57
N ARG A 4 -21.48 -2.11 27.36
CA ARG A 4 -21.96 -2.35 26.03
C ARG A 4 -23.44 -2.06 25.85
N VAL A 5 -23.79 -1.72 24.62
CA VAL A 5 -25.15 -1.40 24.22
C VAL A 5 -25.75 -2.60 23.51
N SER A 6 -26.81 -3.16 24.07
CA SER A 6 -27.45 -4.34 23.52
C SER A 6 -28.31 -4.00 22.31
N VAL A 7 -27.93 -4.56 21.16
CA VAL A 7 -28.72 -4.40 19.95
C VAL A 7 -28.82 -5.78 19.34
N GLY A 8 -30.04 -6.32 19.33
CA GLY A 8 -30.28 -7.69 18.95
C GLY A 8 -29.33 -8.61 19.69
N ASN A 9 -28.57 -9.40 18.92
CA ASN A 9 -27.65 -10.38 19.46
C ASN A 9 -26.25 -9.82 19.75
N LEU A 10 -26.11 -8.51 19.61
CA LEU A 10 -24.80 -7.86 19.73
C LEU A 10 -24.67 -7.00 20.97
N ARG A 11 -23.47 -6.99 21.53
CA ARG A 11 -23.15 -6.09 22.62
C ARG A 11 -22.04 -5.15 22.12
N ILE A 12 -22.47 -4.00 21.60
CA ILE A 12 -21.58 -3.01 21.01
C ILE A 12 -20.85 -2.22 22.08
N ALA A 13 -19.53 -2.09 21.92
CA ALA A 13 -18.75 -1.24 22.85
C ALA A 13 -19.29 0.18 22.77
N ARG A 14 -19.47 0.80 23.94
CA ARG A 14 -20.08 2.11 24.06
C ARG A 14 -19.35 3.18 23.23
N VAL A 15 -18.02 3.15 23.27
CA VAL A 15 -17.22 4.14 22.55
C VAL A 15 -17.62 4.09 21.07
N LEU A 16 -17.68 2.89 20.52
CA LEU A 16 -18.16 2.68 19.16
C LEU A 16 -19.59 3.18 18.96
N TYR A 17 -20.50 2.71 19.80
CA TYR A 17 -21.91 3.08 19.67
C TYR A 17 -22.08 4.59 19.63
N ASP A 18 -21.41 5.30 20.53
CA ASP A 18 -21.49 6.77 20.57
C ASP A 18 -20.96 7.36 19.27
N PHE A 19 -19.78 6.91 18.84
CA PHE A 19 -19.16 7.46 17.64
C PHE A 19 -20.03 7.35 16.39
N VAL A 20 -20.56 6.16 16.12
CA VAL A 20 -21.43 5.99 14.96
C VAL A 20 -22.64 6.94 15.01
N ASN A 21 -23.39 6.88 16.11
CA ASN A 21 -24.57 7.74 16.31
C ASN A 21 -24.28 9.23 16.31
N ASN A 22 -23.34 9.67 17.15
CA ASN A 22 -23.09 11.10 17.27
C ASN A 22 -22.32 11.72 16.10
N GLU A 23 -21.30 11.02 15.61
CA GLU A 23 -20.40 11.57 14.57
C GLU A 23 -20.64 11.04 13.16
N ALA A 24 -20.74 9.72 13.04
CA ALA A 24 -20.81 9.06 11.74
C ALA A 24 -22.16 9.19 10.99
N LEU A 25 -23.25 8.80 11.63
CA LEU A 25 -24.58 8.82 10.97
C LEU A 25 -25.14 10.19 10.52
N PRO A 26 -25.02 11.25 11.36
CA PRO A 26 -25.54 12.56 10.94
C PRO A 26 -25.06 13.04 9.59
N GLY A 27 -25.99 13.15 8.64
CA GLY A 27 -25.67 13.60 7.29
C GLY A 27 -25.93 12.52 6.26
N THR A 28 -25.96 11.27 6.72
CA THR A 28 -26.12 10.11 5.84
C THR A 28 -27.59 9.80 5.60
N ASP A 29 -28.45 10.50 6.35
CA ASP A 29 -29.90 10.26 6.33
C ASP A 29 -30.26 8.80 6.53
N ILE A 30 -29.45 8.12 7.34
CA ILE A 30 -29.67 6.72 7.66
C ILE A 30 -30.20 6.63 9.08
N ASP A 31 -31.24 5.82 9.26
CA ASP A 31 -31.91 5.80 10.53
C ASP A 31 -31.11 4.99 11.54
N PRO A 32 -30.65 5.67 12.60
CA PRO A 32 -29.77 5.02 13.59
C PRO A 32 -30.36 3.70 14.07
N ASP A 33 -31.67 3.69 14.34
CA ASP A 33 -32.38 2.49 14.74
C ASP A 33 -32.19 1.35 13.72
N SER A 34 -32.49 1.64 12.45
CA SER A 34 -32.44 0.64 11.40
C SER A 34 -31.01 0.26 11.02
N PHE A 35 -30.09 1.23 11.11
CA PHE A 35 -28.69 0.92 10.88
C PHE A 35 -28.20 -0.20 11.80
N TRP A 36 -28.43 -0.06 13.11
CA TRP A 36 -27.93 -1.07 14.04
C TRP A 36 -28.61 -2.41 13.84
N ALA A 37 -29.85 -2.37 13.36
CA ALA A 37 -30.56 -3.58 12.98
C ALA A 37 -29.84 -4.25 11.82
N GLY A 38 -29.46 -3.45 10.82
CA GLY A 38 -28.66 -3.92 9.69
C GLY A 38 -27.42 -4.66 10.14
N VAL A 39 -26.68 -4.05 11.07
CA VAL A 39 -25.46 -4.62 11.63
C VAL A 39 -25.69 -6.00 12.24
N ASP A 40 -26.58 -6.06 13.21
CA ASP A 40 -26.88 -7.31 13.90
C ASP A 40 -27.31 -8.38 12.90
N LYS A 41 -28.10 -7.96 11.92
CA LYS A 41 -28.58 -8.86 10.86
C LYS A 41 -27.47 -9.30 9.88
N VAL A 42 -26.70 -8.35 9.34
CA VAL A 42 -25.58 -8.70 8.45
C VAL A 42 -24.53 -9.58 9.14
N VAL A 43 -24.19 -9.24 10.37
CA VAL A 43 -23.24 -10.05 11.15
C VAL A 43 -23.71 -11.48 11.34
N ALA A 44 -24.92 -11.62 11.86
CA ALA A 44 -25.48 -12.95 12.15
C ALA A 44 -25.58 -13.79 10.87
N ASP A 45 -26.06 -13.15 9.80
CA ASP A 45 -26.26 -13.82 8.52
C ASP A 45 -24.95 -14.23 7.79
N LEU A 46 -23.89 -13.43 7.91
CA LEU A 46 -22.64 -13.69 7.16
C LEU A 46 -21.51 -14.35 7.95
N THR A 47 -21.57 -14.29 9.28
CA THR A 47 -20.50 -14.83 10.14
C THR A 47 -20.17 -16.31 9.96
N PRO A 48 -21.18 -17.16 9.72
CA PRO A 48 -20.86 -18.57 9.48
C PRO A 48 -20.07 -18.81 8.18
N GLN A 49 -20.36 -18.04 7.14
CA GLN A 49 -19.65 -18.16 5.85
C GLN A 49 -18.21 -17.74 6.04
N ASN A 50 -18.02 -16.59 6.67
CA ASN A 50 -16.71 -16.11 7.11
C ASN A 50 -15.91 -17.22 7.81
N GLN A 51 -16.55 -17.86 8.78
CA GLN A 51 -15.90 -18.90 9.57
C GLN A 51 -15.64 -20.17 8.73
N ALA A 52 -16.49 -20.43 7.75
CA ALA A 52 -16.30 -21.62 6.95
C ALA A 52 -15.05 -21.45 6.05
N LEU A 53 -14.85 -20.24 5.55
CA LEU A 53 -13.70 -19.91 4.72
C LEU A 53 -12.39 -20.09 5.48
N LEU A 54 -12.36 -19.59 6.72
CA LEU A 54 -11.20 -19.73 7.58
C LEU A 54 -10.92 -21.18 7.87
N ASN A 55 -11.98 -21.95 8.11
CA ASN A 55 -11.85 -23.39 8.31
C ASN A 55 -11.22 -24.06 7.08
N ALA A 56 -11.73 -23.72 5.90
CA ALA A 56 -11.23 -24.28 4.65
C ALA A 56 -9.73 -24.00 4.41
N ARG A 57 -9.26 -22.80 4.77
CA ARG A 57 -7.83 -22.50 4.73
C ARG A 57 -7.07 -23.55 5.54
N ASP A 58 -7.61 -23.88 6.72
CA ASP A 58 -6.94 -24.82 7.62
C ASP A 58 -6.94 -26.25 7.12
N GLU A 59 -8.01 -26.64 6.41
CA GLU A 59 -8.13 -28.00 5.84
C GLU A 59 -7.10 -28.21 4.75
N LEU A 60 -7.09 -27.30 3.78
CA LEU A 60 -6.14 -27.39 2.67
C LEU A 60 -4.73 -27.50 3.23
N GLN A 61 -4.32 -26.54 4.05
CA GLN A 61 -2.97 -26.57 4.65
C GLN A 61 -2.63 -27.90 5.31
N ALA A 62 -3.61 -28.48 6.01
CA ALA A 62 -3.43 -29.75 6.71
C ALA A 62 -3.05 -30.86 5.73
N GLN A 63 -3.75 -30.91 4.60
CA GLN A 63 -3.49 -31.91 3.55
C GLN A 63 -2.14 -31.71 2.86
N ILE A 64 -1.76 -30.45 2.68
CA ILE A 64 -0.47 -30.14 2.06
C ILE A 64 0.67 -30.47 3.01
N ASP A 65 0.49 -30.14 4.29
CA ASP A 65 1.42 -30.56 5.35
C ASP A 65 1.73 -32.05 5.29
N LYS A 66 0.70 -32.91 5.37
CA LYS A 66 0.92 -34.36 5.35
C LYS A 66 1.56 -34.83 4.06
N TRP A 67 1.09 -34.26 2.94
CA TRP A 67 1.56 -34.64 1.61
C TRP A 67 3.08 -34.57 1.54
N HIS A 68 3.63 -33.43 1.97
CA HIS A 68 5.08 -33.23 1.93
C HIS A 68 5.79 -34.20 2.86
N ARG A 69 5.18 -34.48 4.01
CA ARG A 69 5.75 -35.43 4.97
C ARG A 69 5.70 -36.88 4.48
N ARG A 70 5.00 -37.12 3.37
CA ARG A 70 4.91 -38.47 2.84
C ARG A 70 5.66 -38.63 1.54
N ARG A 71 6.54 -37.67 1.26
CA ARG A 71 7.42 -37.75 0.10
C ARG A 71 8.73 -38.45 0.45
N VAL A 72 9.00 -39.52 -0.28
CA VAL A 72 10.30 -40.17 -0.16
C VAL A 72 11.24 -39.66 -1.27
N ILE A 73 10.69 -39.53 -2.48
CA ILE A 73 11.48 -39.20 -3.67
C ILE A 73 11.76 -37.69 -3.83
N GLU A 74 13.03 -37.31 -3.71
CA GLU A 74 13.46 -35.93 -3.96
C GLU A 74 14.30 -35.87 -5.24
N PRO A 75 14.16 -34.79 -6.03
CA PRO A 75 13.32 -33.60 -5.82
C PRO A 75 11.83 -33.85 -6.07
N ILE A 76 11.02 -32.86 -5.72
CA ILE A 76 9.56 -32.99 -5.78
C ILE A 76 9.02 -33.20 -7.19
N ASP A 77 8.14 -34.20 -7.34
CA ASP A 77 7.47 -34.43 -8.60
C ASP A 77 6.41 -33.35 -8.78
N MET A 78 6.76 -32.31 -9.53
CA MET A 78 5.84 -31.19 -9.70
CA MET A 78 5.87 -31.17 -9.79
C MET A 78 4.56 -31.58 -10.46
N ASP A 79 4.61 -32.64 -11.27
CA ASP A 79 3.39 -33.10 -11.94
C ASP A 79 2.38 -33.71 -10.97
N ALA A 80 2.89 -34.45 -9.99
CA ALA A 80 2.02 -35.04 -8.97
C ALA A 80 1.55 -33.96 -8.02
N TYR A 81 2.49 -33.12 -7.56
CA TYR A 81 2.19 -32.00 -6.69
C TYR A 81 1.06 -31.15 -7.24
N ARG A 82 1.10 -30.90 -8.54
CA ARG A 82 0.12 -30.05 -9.21
C ARG A 82 -1.24 -30.73 -9.24
N GLN A 83 -1.23 -32.03 -9.51
CA GLN A 83 -2.47 -32.79 -9.59
C GLN A 83 -3.13 -32.98 -8.21
N PHE A 84 -2.31 -32.92 -7.18
CA PHE A 84 -2.82 -33.06 -5.82
C PHE A 84 -3.58 -31.78 -5.45
N LEU A 85 -3.03 -30.64 -5.86
CA LEU A 85 -3.65 -29.35 -5.60
C LEU A 85 -4.99 -29.19 -6.32
N THR A 86 -5.10 -29.81 -7.50
CA THR A 86 -6.35 -29.80 -8.24
C THR A 86 -7.35 -30.74 -7.58
N GLU A 87 -6.84 -31.86 -7.10
CA GLU A 87 -7.71 -32.84 -6.46
C GLU A 87 -8.39 -32.25 -5.23
N ILE A 88 -7.60 -31.65 -4.33
CA ILE A 88 -8.12 -31.13 -3.08
C ILE A 88 -8.81 -29.76 -3.21
N GLY A 89 -8.96 -29.30 -4.45
CA GLY A 89 -9.68 -28.07 -4.74
C GLY A 89 -8.93 -26.81 -4.39
N TYR A 90 -7.62 -26.91 -4.27
CA TYR A 90 -6.75 -25.75 -4.02
C TYR A 90 -6.54 -25.01 -5.32
N LEU A 91 -6.20 -25.77 -6.35
CA LEU A 91 -6.03 -25.24 -7.69
C LEU A 91 -7.29 -25.50 -8.50
N LEU A 92 -8.00 -24.42 -8.83
CA LEU A 92 -9.25 -24.51 -9.57
C LEU A 92 -8.99 -24.21 -11.05
N PRO A 93 -9.82 -24.76 -11.94
CA PRO A 93 -9.67 -24.57 -13.38
C PRO A 93 -9.89 -23.10 -13.78
N GLU A 94 -9.15 -22.61 -14.78
CA GLU A 94 -9.31 -21.24 -15.25
C GLU A 94 -10.61 -21.04 -16.04
N PRO A 95 -11.33 -19.96 -15.72
CA PRO A 95 -12.52 -19.60 -16.50
C PRO A 95 -12.14 -19.07 -17.88
N ASP A 96 -13.10 -19.01 -18.79
CA ASP A 96 -12.84 -18.51 -20.13
C ASP A 96 -12.53 -17.02 -20.05
N ASP A 97 -11.97 -16.46 -21.12
CA ASP A 97 -11.66 -15.05 -21.15
C ASP A 97 -12.91 -14.20 -20.86
N PHE A 98 -12.72 -13.10 -20.17
CA PHE A 98 -13.82 -12.19 -19.85
C PHE A 98 -13.24 -10.78 -19.80
N THR A 99 -14.11 -9.80 -19.61
CA THR A 99 -13.69 -8.41 -19.48
C THR A 99 -14.48 -7.84 -18.33
N ILE A 100 -13.80 -7.17 -17.40
CA ILE A 100 -14.47 -6.60 -16.25
C ILE A 100 -15.54 -5.60 -16.70
N THR A 101 -16.56 -5.41 -15.87
CA THR A 101 -17.74 -4.65 -16.30
C THR A 101 -18.03 -3.46 -15.39
N THR A 102 -17.10 -3.19 -14.48
CA THR A 102 -17.24 -2.17 -13.43
C THR A 102 -17.47 -0.75 -13.97
N SER A 103 -18.58 -0.14 -13.56
CA SER A 103 -18.95 1.22 -13.96
C SER A 103 -18.78 2.22 -12.81
N GLY A 104 -18.89 3.51 -13.13
CA GLY A 104 -18.85 4.54 -12.11
C GLY A 104 -17.52 4.65 -11.39
N VAL A 105 -16.43 4.45 -12.13
CA VAL A 105 -15.08 4.57 -11.56
C VAL A 105 -14.42 5.87 -12.02
N ASP A 106 -13.69 6.53 -11.12
CA ASP A 106 -13.08 7.83 -11.39
C ASP A 106 -11.88 7.72 -12.34
N ALA A 107 -11.48 8.85 -12.91
CA ALA A 107 -10.46 8.86 -13.97
C ALA A 107 -9.09 8.53 -13.42
N GLU A 108 -8.85 8.87 -12.15
CA GLU A 108 -7.60 8.58 -11.48
C GLU A 108 -7.31 7.07 -11.48
N ILE A 109 -8.36 6.27 -11.67
CA ILE A 109 -8.25 4.82 -11.55
C ILE A 109 -8.35 4.09 -12.90
N THR A 110 -9.32 4.45 -13.73
CA THR A 110 -9.49 3.83 -15.03
C THR A 110 -8.37 4.21 -16.00
N THR A 111 -7.84 5.43 -15.87
CA THR A 111 -7.06 6.01 -16.95
C THR A 111 -5.63 6.44 -16.59
N THR A 112 -5.51 7.27 -15.55
CA THR A 112 -4.23 7.87 -15.16
C THR A 112 -3.27 6.88 -14.51
N ALA A 113 -2.07 6.75 -15.06
CA ALA A 113 -1.03 5.98 -14.40
C ALA A 113 -0.11 6.89 -13.62
N GLY A 114 0.31 6.46 -12.44
CA GLY A 114 1.15 7.28 -11.60
C GLY A 114 1.09 6.75 -10.18
N PRO A 115 1.86 7.37 -9.27
CA PRO A 115 2.09 6.86 -7.92
C PRO A 115 0.82 6.72 -7.07
N GLN A 116 0.88 5.87 -6.05
CA GLN A 116 -0.22 5.67 -5.13
C GLN A 116 0.35 5.48 -3.74
N LEU A 117 -0.13 6.30 -2.82
CA LEU A 117 0.45 6.47 -1.50
C LEU A 117 -0.33 5.66 -0.46
N VAL A 118 0.38 5.03 0.47
CA VAL A 118 -0.27 4.24 1.51
C VAL A 118 0.21 4.72 2.87
N VAL A 119 -0.74 4.97 3.76
CA VAL A 119 -0.44 5.66 5.01
C VAL A 119 -1.38 5.16 6.11
N PRO A 120 -0.84 4.98 7.33
CA PRO A 120 -1.62 4.53 8.48
C PRO A 120 -2.75 5.50 8.81
N VAL A 121 -4.00 5.04 8.74
CA VAL A 121 -5.16 5.91 8.97
C VAL A 121 -5.19 6.50 10.40
N LEU A 122 -4.58 5.81 11.36
CA LEU A 122 -4.50 6.28 12.75
C LEU A 122 -3.64 7.52 12.96
N ASN A 123 -3.01 8.00 11.89
CA ASN A 123 -2.09 9.15 11.99
C ASN A 123 -2.63 10.34 11.20
N ALA A 124 -3.39 11.20 11.87
CA ALA A 124 -4.05 12.32 11.20
C ALA A 124 -3.10 13.21 10.37
N ARG A 125 -1.92 13.48 10.90
CA ARG A 125 -0.98 14.36 10.19
C ARG A 125 -0.44 13.71 8.92
N PHE A 126 0.10 12.51 9.06
CA PHE A 126 0.52 11.74 7.90
C PHE A 126 -0.64 11.60 6.93
N ALA A 127 -1.85 11.42 7.46
CA ALA A 127 -3.03 11.20 6.59
C ALA A 127 -3.47 12.50 5.93
N LEU A 128 -3.34 13.59 6.66
CA LEU A 128 -3.52 14.92 6.12
C LEU A 128 -2.52 15.18 4.99
N ASN A 129 -1.23 14.97 5.25
CA ASN A 129 -0.21 15.19 4.19
C ASN A 129 -0.50 14.36 2.94
N ALA A 130 -0.85 13.09 3.15
CA ALA A 130 -1.21 12.20 2.05
C ALA A 130 -2.30 12.73 1.14
N ALA A 131 -3.43 13.17 1.70
CA ALA A 131 -4.53 13.65 0.87
C ALA A 131 -4.11 14.89 0.05
N ASN A 132 -3.17 15.66 0.59
CA ASN A 132 -2.67 16.86 -0.08
C ASN A 132 -1.45 16.58 -0.98
N ALA A 133 -1.09 15.32 -1.11
CA ALA A 133 0.15 14.92 -1.80
C ALA A 133 -0.06 14.71 -3.31
N ARG A 134 -1.26 15.06 -3.79
CA ARG A 134 -1.64 14.98 -5.20
C ARG A 134 -0.76 15.93 -6.02
N TRP A 135 -0.25 16.96 -5.38
CA TRP A 135 0.63 17.93 -6.00
C TRP A 135 1.76 18.12 -5.02
N GLY A 136 2.98 18.18 -5.53
CA GLY A 136 4.15 18.31 -4.67
C GLY A 136 5.28 18.96 -5.42
N SER A 137 6.23 19.52 -4.67
CA SER A 137 7.31 20.29 -5.25
C SER A 137 8.50 19.41 -5.59
N LEU A 138 8.90 19.43 -6.86
CA LEU A 138 10.07 18.68 -7.31
C LEU A 138 11.34 19.24 -6.67
N TYR A 139 11.41 20.56 -6.52
CA TYR A 139 12.61 21.19 -5.94
C TYR A 139 12.83 20.77 -4.50
N ASP A 140 11.77 20.83 -3.69
CA ASP A 140 11.89 20.44 -2.29
C ASP A 140 12.31 18.98 -2.19
N ALA A 141 11.70 18.15 -3.04
CA ALA A 141 12.00 16.71 -3.06
C ALA A 141 13.44 16.41 -3.50
N LEU A 142 13.90 17.12 -4.54
CA LEU A 142 15.27 16.97 -5.03
C LEU A 142 16.29 17.49 -4.02
N TYR A 143 16.04 18.68 -3.46
CA TYR A 143 16.94 19.30 -2.47
C TYR A 143 16.95 18.55 -1.13
N GLY A 144 15.79 18.16 -0.64
CA GLY A 144 15.67 17.47 0.64
C GLY A 144 16.28 16.08 0.72
N THR A 145 16.27 15.35 -0.40
CA THR A 145 16.76 13.96 -0.43
C THR A 145 18.15 13.80 -1.02
N ASP A 146 18.55 12.56 -1.24
CA ASP A 146 19.86 12.26 -1.77
C ASP A 146 19.85 12.05 -3.29
N VAL A 147 18.79 12.48 -3.95
CA VAL A 147 18.76 12.40 -5.40
C VAL A 147 19.90 13.24 -5.99
N ILE A 148 20.00 14.49 -5.57
CA ILE A 148 21.16 15.31 -5.84
C ILE A 148 22.19 15.01 -4.76
N PRO A 149 23.38 14.53 -5.18
CA PRO A 149 24.41 14.14 -4.21
C PRO A 149 24.84 15.35 -3.38
N GLU A 150 25.44 15.10 -2.21
CA GLU A 150 25.94 16.21 -1.40
C GLU A 150 27.45 16.32 -1.57
N THR A 151 27.92 15.82 -2.72
CA THR A 151 29.36 15.72 -2.98
C THR A 151 30.03 17.08 -3.16
N ASP A 152 30.48 17.65 -2.04
CA ASP A 152 31.34 18.84 -2.04
C ASP A 152 30.78 20.04 -2.81
N GLY A 153 30.18 20.96 -2.07
CA GLY A 153 29.54 22.11 -2.65
C GLY A 153 28.05 22.05 -2.37
N ALA A 154 27.46 20.87 -2.56
CA ALA A 154 25.99 20.73 -2.54
C ALA A 154 25.41 20.06 -1.30
N GLU A 155 26.11 20.11 -0.17
CA GLU A 155 25.60 19.49 1.06
C GLU A 155 24.46 20.29 1.72
N LYS A 156 23.55 19.57 2.37
CA LYS A 156 22.46 20.21 3.08
C LYS A 156 23.01 20.87 4.33
N GLY A 157 22.68 22.15 4.51
CA GLY A 157 23.13 22.89 5.68
C GLY A 157 21.95 23.50 6.40
N PRO A 158 22.20 24.07 7.59
CA PRO A 158 21.16 24.80 8.32
C PRO A 158 20.61 25.92 7.45
N THR A 159 21.51 26.53 6.67
CA THR A 159 21.17 27.55 5.68
C THR A 159 21.08 26.97 4.26
N TYR A 160 20.26 27.62 3.41
CA TYR A 160 20.13 27.24 2.00
C TYR A 160 21.46 27.33 1.24
N ASN A 161 21.81 26.23 0.57
CA ASN A 161 23.01 26.12 -0.25
C ASN A 161 22.69 26.35 -1.72
N LYS A 162 23.26 27.40 -2.30
CA LYS A 162 22.98 27.75 -3.70
C LYS A 162 23.68 26.84 -4.71
N VAL A 163 24.81 26.24 -4.31
CA VAL A 163 25.46 25.26 -5.18
C VAL A 163 24.49 24.10 -5.39
N ARG A 164 23.85 23.68 -4.30
CA ARG A 164 22.88 22.59 -4.33
C ARG A 164 21.61 23.00 -5.09
N GLY A 165 21.16 24.23 -4.85
CA GLY A 165 19.94 24.73 -5.46
C GLY A 165 20.03 24.77 -6.97
N ASP A 166 21.23 25.08 -7.47
CA ASP A 166 21.46 25.14 -8.91
C ASP A 166 21.37 23.76 -9.57
N LYS A 167 21.87 22.74 -8.89
CA LYS A 167 21.78 21.37 -9.42
C LYS A 167 20.32 20.86 -9.42
N VAL A 168 19.60 21.16 -8.33
CA VAL A 168 18.16 20.94 -8.30
C VAL A 168 17.50 21.55 -9.55
N ILE A 169 17.73 22.85 -9.77
CA ILE A 169 17.25 23.55 -10.98
C ILE A 169 17.62 22.84 -12.27
N ALA A 170 18.91 22.54 -12.42
CA ALA A 170 19.41 21.87 -13.62
C ALA A 170 18.67 20.55 -13.85
N TYR A 171 18.55 19.77 -12.79
CA TYR A 171 17.82 18.51 -12.84
C TYR A 171 16.39 18.72 -13.39
N ALA A 172 15.68 19.70 -12.84
CA ALA A 172 14.30 19.98 -13.27
C ALA A 172 14.23 20.52 -14.70
N ARG A 173 15.20 21.38 -15.06
CA ARG A 173 15.35 21.84 -16.43
C ARG A 173 15.48 20.67 -17.41
N LYS A 174 16.25 19.67 -17.03
CA LYS A 174 16.48 18.50 -17.88
C LYS A 174 15.23 17.61 -17.95
N PHE A 175 14.59 17.42 -16.79
CA PHE A 175 13.31 16.72 -16.74
C PHE A 175 12.29 17.34 -17.69
N LEU A 176 12.25 18.67 -17.76
CA LEU A 176 11.36 19.33 -18.71
C LEU A 176 11.67 18.93 -20.15
N ASP A 177 12.95 18.89 -20.49
CA ASP A 177 13.38 18.51 -21.83
C ASP A 177 12.95 17.10 -22.23
N ASP A 178 13.06 16.17 -21.29
CA ASP A 178 12.69 14.78 -21.55
C ASP A 178 11.17 14.60 -21.63
N SER A 179 10.43 15.37 -20.85
CA SER A 179 9.00 15.13 -20.71
C SER A 179 8.14 15.91 -21.69
N VAL A 180 8.45 17.19 -21.84
CA VAL A 180 7.73 18.08 -22.76
C VAL A 180 8.75 18.86 -23.59
N PRO A 181 9.21 18.25 -24.69
CA PRO A 181 10.31 18.79 -25.50
C PRO A 181 9.91 20.00 -26.35
N LEU A 182 10.75 21.03 -26.35
CA LEU A 182 10.61 22.18 -27.23
C LEU A 182 11.05 21.78 -28.64
N SER A 183 10.39 22.31 -29.66
CA SER A 183 10.79 22.02 -31.03
C SER A 183 12.27 22.30 -31.23
N SER A 184 12.71 23.48 -30.84
CA SER A 184 14.12 23.82 -30.91
C SER A 184 14.71 24.28 -29.57
N GLY A 185 15.85 23.71 -29.21
CA GLY A 185 16.58 24.14 -28.02
C GLY A 185 16.14 23.50 -26.71
N SER A 186 16.74 23.97 -25.62
CA SER A 186 16.49 23.41 -24.30
C SER A 186 15.79 24.40 -23.35
N PHE A 187 15.05 23.84 -22.39
CA PHE A 187 14.43 24.61 -21.31
C PHE A 187 15.50 25.27 -20.45
N GLY A 188 16.68 24.65 -20.41
CA GLY A 188 17.80 25.17 -19.64
C GLY A 188 18.25 26.57 -20.02
N ASP A 189 18.00 26.99 -21.26
CA ASP A 189 18.37 28.35 -21.69
C ASP A 189 17.19 29.31 -21.76
N ALA A 190 15.99 28.82 -21.46
CA ALA A 190 14.78 29.65 -21.50
C ALA A 190 14.92 30.92 -20.67
N THR A 191 14.33 32.01 -21.16
CA THR A 191 14.45 33.30 -20.52
C THR A 191 13.09 33.89 -20.17
N GLY A 192 12.05 33.34 -20.79
CA GLY A 192 10.68 33.74 -20.48
C GLY A 192 9.64 32.83 -21.10
N PHE A 193 8.41 32.93 -20.60
CA PHE A 193 7.30 32.14 -21.12
C PHE A 193 6.11 33.03 -21.44
N THR A 194 5.59 32.91 -22.66
CA THR A 194 4.37 33.65 -23.04
C THR A 194 3.35 32.75 -23.74
N VAL A 195 2.13 33.27 -23.86
CA VAL A 195 1.03 32.57 -24.51
C VAL A 195 0.33 33.46 -25.54
N GLN A 196 0.66 33.28 -26.82
CA GLN A 196 0.03 34.08 -27.86
C GLN A 196 -0.74 33.22 -28.87
N ASP A 197 -2.00 33.60 -29.11
CA ASP A 197 -2.91 32.89 -30.02
C ASP A 197 -3.23 31.47 -29.56
N GLY A 198 -3.01 31.20 -28.28
CA GLY A 198 -3.36 29.92 -27.69
C GLY A 198 -2.19 28.95 -27.63
N GLN A 199 -1.09 29.30 -28.29
CA GLN A 199 0.10 28.46 -28.28
C GLN A 199 1.11 29.01 -27.29
N LEU A 200 1.85 28.12 -26.65
CA LEU A 200 2.85 28.55 -25.70
C LEU A 200 4.16 28.82 -26.40
N VAL A 201 4.65 30.06 -26.29
CA VAL A 201 5.97 30.38 -26.79
C VAL A 201 6.97 30.49 -25.63
N VAL A 202 8.18 29.99 -25.84
CA VAL A 202 9.20 30.09 -24.82
C VAL A 202 10.36 30.96 -25.29
N ALA A 203 10.67 31.98 -24.49
CA ALA A 203 11.72 32.93 -24.84
C ALA A 203 13.09 32.26 -24.76
N LEU A 204 13.87 32.38 -25.82
CA LEU A 204 15.23 31.87 -25.86
C LEU A 204 16.21 33.00 -26.19
N PRO A 205 17.50 32.84 -25.85
CA PRO A 205 18.54 33.86 -26.07
C PRO A 205 18.50 34.56 -27.43
N ASP A 206 18.46 33.79 -28.52
CA ASP A 206 18.48 34.39 -29.85
C ASP A 206 17.29 33.96 -30.71
N LYS A 207 16.28 33.39 -30.07
CA LYS A 207 15.08 32.97 -30.77
C LYS A 207 13.92 32.75 -29.80
N SER A 208 12.93 31.98 -30.24
CA SER A 208 11.85 31.52 -29.38
C SER A 208 11.14 30.38 -30.09
N THR A 209 10.72 29.35 -29.35
CA THR A 209 10.11 28.15 -29.94
C THR A 209 8.81 27.78 -29.24
N GLY A 210 8.17 26.72 -29.73
CA GLY A 210 7.02 26.15 -29.07
C GLY A 210 7.36 24.75 -28.59
N LEU A 211 6.37 24.03 -28.09
CA LEU A 211 6.55 22.64 -27.71
C LEU A 211 6.57 21.84 -29.00
N ALA A 212 7.28 20.71 -29.01
CA ALA A 212 7.30 19.84 -30.19
C ALA A 212 5.88 19.36 -30.46
N ASN A 213 5.17 19.04 -29.38
CA ASN A 213 3.75 18.81 -29.47
C ASN A 213 3.04 19.87 -28.66
N PRO A 214 2.43 20.85 -29.36
CA PRO A 214 1.64 21.92 -28.74
C PRO A 214 0.54 21.35 -27.86
N GLY A 215 0.11 20.13 -28.18
CA GLY A 215 -0.91 19.44 -27.42
C GLY A 215 -0.59 19.37 -25.94
N GLN A 216 0.70 19.31 -25.62
CA GLN A 216 1.19 19.18 -24.24
C GLN A 216 0.96 20.44 -23.38
N PHE A 217 0.69 21.55 -24.05
CA PHE A 217 0.28 22.77 -23.37
C PHE A 217 -1.17 22.62 -22.96
N ALA A 218 -1.47 22.85 -21.68
CA ALA A 218 -2.78 22.49 -21.15
C ALA A 218 -3.41 23.61 -20.34
N GLY A 219 -2.67 24.70 -20.14
CA GLY A 219 -3.18 25.79 -19.35
C GLY A 219 -2.09 26.66 -18.77
N TYR A 220 -2.49 27.60 -17.90
CA TYR A 220 -1.58 28.51 -17.22
C TYR A 220 -2.34 29.33 -16.20
N THR A 221 -1.61 30.15 -15.45
CA THR A 221 -2.24 31.17 -14.62
C THR A 221 -1.67 32.55 -14.95
N GLY A 222 -2.31 33.60 -14.44
CA GLY A 222 -1.90 34.98 -14.69
C GLY A 222 -2.22 35.46 -16.11
N ALA A 223 -1.55 36.53 -16.55
CA ALA A 223 -1.81 37.09 -17.86
C ALA A 223 -1.00 36.37 -18.94
N ALA A 224 -1.64 36.13 -20.08
CA ALA A 224 -1.03 35.38 -21.17
C ALA A 224 0.30 36.00 -21.62
N GLU A 225 0.43 37.31 -21.41
CA GLU A 225 1.62 38.06 -21.76
C GLU A 225 2.74 37.83 -20.74
N SER A 226 2.36 37.63 -19.48
CA SER A 226 3.33 37.42 -18.38
C SER A 226 2.77 36.48 -17.31
N PRO A 227 2.70 35.16 -17.64
CA PRO A 227 2.07 34.13 -16.79
C PRO A 227 2.75 33.90 -15.44
N THR A 228 1.94 33.69 -14.39
CA THR A 228 2.47 33.35 -13.07
C THR A 228 2.81 31.85 -12.96
N SER A 229 2.30 31.08 -13.92
CA SER A 229 2.62 29.66 -14.00
C SER A 229 2.26 29.14 -15.37
N VAL A 230 2.72 27.94 -15.68
CA VAL A 230 2.37 27.30 -16.94
C VAL A 230 2.11 25.83 -16.69
N LEU A 231 0.96 25.35 -17.12
CA LEU A 231 0.56 23.98 -16.84
C LEU A 231 0.81 23.13 -18.08
N LEU A 232 1.65 22.12 -17.92
CA LEU A 232 1.92 21.18 -18.99
C LEU A 232 1.33 19.80 -18.65
N ILE A 233 0.95 19.06 -19.68
CA ILE A 233 0.54 17.68 -19.47
C ILE A 233 1.35 16.73 -20.35
N ASN A 234 1.77 15.64 -19.75
CA ASN A 234 2.41 14.57 -20.50
C ASN A 234 1.98 13.28 -19.85
N HIS A 235 1.67 12.28 -20.67
CA HIS A 235 1.22 10.96 -20.19
C HIS A 235 0.09 11.05 -19.16
N GLY A 236 -0.89 11.88 -19.45
CA GLY A 236 -1.99 12.13 -18.54
C GLY A 236 -1.62 12.83 -17.25
N LEU A 237 -0.33 13.02 -16.99
CA LEU A 237 0.13 13.62 -15.74
C LEU A 237 0.48 15.10 -15.91
N HIS A 238 0.12 15.91 -14.91
CA HIS A 238 0.35 17.35 -15.01
C HIS A 238 1.70 17.82 -14.45
N ILE A 239 2.29 18.80 -15.13
CA ILE A 239 3.51 19.48 -14.69
C ILE A 239 3.26 20.99 -14.64
N GLU A 240 3.55 21.61 -13.50
CA GLU A 240 3.40 23.06 -13.39
C GLU A 240 4.71 23.77 -13.12
N ILE A 241 5.03 24.72 -13.97
CA ILE A 241 6.18 25.59 -13.79
C ILE A 241 5.73 26.89 -13.14
N LEU A 242 6.01 27.06 -11.85
CA LEU A 242 5.71 28.30 -11.16
C LEU A 242 6.73 29.38 -11.57
N ILE A 243 6.23 30.49 -12.12
CA ILE A 243 7.09 31.62 -12.57
C ILE A 243 6.93 32.84 -11.65
N ASP A 244 7.96 33.11 -10.83
CA ASP A 244 7.94 34.25 -9.90
C ASP A 244 9.34 34.81 -9.74
N PRO A 245 9.71 35.81 -10.57
CA PRO A 245 11.06 36.39 -10.56
C PRO A 245 11.42 37.11 -9.26
N GLU A 246 10.41 37.40 -8.43
CA GLU A 246 10.63 38.09 -7.16
C GLU A 246 10.99 37.17 -6.00
N SER A 247 10.82 35.86 -6.20
CA SER A 247 11.19 34.91 -5.15
C SER A 247 12.69 34.71 -5.08
N GLN A 248 13.13 34.10 -3.99
CA GLN A 248 14.55 33.93 -3.73
C GLN A 248 15.21 33.13 -4.84
N VAL A 249 14.57 32.04 -5.22
CA VAL A 249 15.08 31.17 -6.28
C VAL A 249 14.84 31.78 -7.67
N GLY A 250 13.65 32.36 -7.86
CA GLY A 250 13.29 32.94 -9.13
C GLY A 250 14.13 34.13 -9.50
N THR A 251 14.76 34.74 -8.50
CA THR A 251 15.61 35.91 -8.68
C THR A 251 16.87 35.52 -9.47
N THR A 252 17.51 34.45 -9.01
CA THR A 252 18.71 33.95 -9.64
C THR A 252 18.42 32.87 -10.68
N ASP A 253 17.22 32.91 -11.25
CA ASP A 253 16.86 31.93 -12.27
C ASP A 253 16.69 32.60 -13.63
N ARG A 254 17.23 31.96 -14.68
CA ARG A 254 17.32 32.55 -16.02
C ARG A 254 15.97 32.85 -16.65
N ALA A 255 14.91 32.24 -16.14
CA ALA A 255 13.57 32.52 -16.64
C ALA A 255 12.64 32.97 -15.51
N GLY A 256 13.19 33.15 -14.31
CA GLY A 256 12.41 33.55 -13.15
C GLY A 256 11.62 32.42 -12.51
N VAL A 257 12.01 31.17 -12.78
CA VAL A 257 11.28 30.00 -12.26
C VAL A 257 11.56 29.73 -10.77
N LYS A 258 10.48 29.70 -9.97
CA LYS A 258 10.56 29.48 -8.53
C LYS A 258 10.54 27.98 -8.17
N ASP A 259 9.88 27.19 -9.01
CA ASP A 259 9.66 25.77 -8.71
C ASP A 259 9.03 25.02 -9.89
N VAL A 260 9.14 23.70 -9.87
CA VAL A 260 8.36 22.84 -10.76
C VAL A 260 7.49 21.94 -9.89
N ILE A 261 6.19 21.95 -10.14
CA ILE A 261 5.24 21.18 -9.32
C ILE A 261 4.74 19.98 -10.10
N LEU A 262 4.82 18.79 -9.51
CA LEU A 262 4.37 17.59 -10.22
C LEU A 262 3.10 17.01 -9.61
N GLU A 263 2.11 16.73 -10.47
CA GLU A 263 1.00 15.89 -10.04
C GLU A 263 1.60 14.53 -9.64
N SER A 264 1.61 14.29 -8.32
CA SER A 264 2.32 13.16 -7.72
C SER A 264 1.39 12.00 -7.36
N ALA A 265 0.92 11.98 -6.11
CA ALA A 265 0.03 10.93 -5.60
C ALA A 265 -1.37 11.07 -6.16
N ILE A 266 -1.62 10.51 -7.34
CA ILE A 266 -2.94 10.55 -7.96
C ILE A 266 -4.01 9.93 -7.05
N THR A 267 -3.67 8.81 -6.41
CA THR A 267 -4.56 8.16 -5.44
C THR A 267 -3.83 7.84 -4.15
N THR A 268 -4.57 7.67 -3.05
CA THR A 268 -3.98 7.36 -1.75
C THR A 268 -4.83 6.32 -0.99
N ILE A 269 -4.18 5.45 -0.24
CA ILE A 269 -4.85 4.36 0.45
C ILE A 269 -4.72 4.59 1.95
N MET A 270 -5.84 4.96 2.57
CA MET A 270 -5.90 5.12 4.01
C MET A 270 -6.05 3.74 4.60
N ASP A 271 -5.14 3.38 5.48
CA ASP A 271 -4.97 1.97 5.79
C ASP A 271 -5.44 1.62 7.18
N PHE A 272 -6.33 0.64 7.27
CA PHE A 272 -6.77 0.14 8.58
C PHE A 272 -6.09 -1.18 8.91
N GLU A 273 -5.29 -1.71 7.98
CA GLU A 273 -4.73 -3.05 8.15
C GLU A 273 -3.28 -3.02 8.62
N ASP A 274 -2.36 -3.61 7.85
CA ASP A 274 -0.97 -3.85 8.30
C ASP A 274 -0.09 -2.66 8.69
N SER A 275 -0.47 -1.44 8.28
CA SER A 275 0.34 -0.30 8.69
C SER A 275 -0.10 0.37 10.02
N VAL A 276 -1.17 -0.13 10.64
CA VAL A 276 -1.64 0.42 11.92
C VAL A 276 -1.74 -0.65 13.02
N ALA A 277 -1.61 -0.22 14.27
CA ALA A 277 -1.91 -1.10 15.39
C ALA A 277 -3.23 -0.68 16.03
N ALA A 278 -4.23 -1.55 15.90
CA ALA A 278 -5.59 -1.30 16.41
C ALA A 278 -6.17 -2.62 16.86
N VAL A 279 -6.22 -2.82 18.17
CA VAL A 279 -6.47 -4.13 18.77
C VAL A 279 -7.75 -4.17 19.62
N ASP A 280 -8.40 -3.02 19.78
CA ASP A 280 -9.64 -2.93 20.52
C ASP A 280 -10.53 -1.83 19.98
N ALA A 281 -11.65 -1.63 20.68
CA ALA A 281 -12.68 -0.71 20.27
C ALA A 281 -12.19 0.74 20.23
N ALA A 282 -11.39 1.13 21.21
CA ALA A 282 -10.90 2.51 21.26
C ALA A 282 -9.97 2.80 20.08
N ASP A 283 -9.15 1.82 19.71
CA ASP A 283 -8.22 1.95 18.57
C ASP A 283 -8.98 2.07 17.28
N LYS A 284 -10.04 1.28 17.16
CA LYS A 284 -10.85 1.29 15.95
C LYS A 284 -11.56 2.64 15.71
N VAL A 285 -12.05 3.27 16.79
CA VAL A 285 -12.76 4.56 16.64
C VAL A 285 -11.83 5.76 16.35
N LEU A 286 -10.62 5.74 16.93
CA LEU A 286 -9.57 6.67 16.52
C LEU A 286 -9.37 6.58 15.02
N GLY A 287 -9.22 5.35 14.52
CA GLY A 287 -9.13 5.11 13.09
C GLY A 287 -10.34 5.63 12.35
N TYR A 288 -11.54 5.16 12.73
CA TYR A 288 -12.75 5.56 12.02
C TYR A 288 -12.97 7.07 11.99
N ARG A 289 -12.55 7.75 13.07
CA ARG A 289 -12.76 9.18 13.19
C ARG A 289 -11.94 9.95 12.19
N ASN A 290 -10.69 9.53 11.99
CA ASN A 290 -9.84 10.11 10.95
C ASN A 290 -10.46 9.93 9.59
N TRP A 291 -10.94 8.72 9.31
CA TRP A 291 -11.58 8.43 8.03
C TRP A 291 -12.79 9.35 7.81
N LEU A 292 -13.54 9.66 8.89
CA LEU A 292 -14.66 10.60 8.82
C LEU A 292 -14.22 12.01 8.44
N GLY A 293 -13.19 12.51 9.12
CA GLY A 293 -12.66 13.83 8.85
C GLY A 293 -12.15 13.98 7.42
N LEU A 294 -11.57 12.91 6.89
CA LEU A 294 -11.10 12.92 5.51
C LEU A 294 -12.28 13.02 4.55
N ASN A 295 -13.33 12.28 4.82
CA ASN A 295 -14.49 12.24 3.93
C ASN A 295 -15.42 13.45 4.00
N LYS A 296 -15.57 14.03 5.19
CA LYS A 296 -16.34 15.27 5.34
C LYS A 296 -15.52 16.45 4.81
N GLY A 297 -14.19 16.28 4.83
CA GLY A 297 -13.27 17.28 4.34
C GLY A 297 -12.75 18.26 5.37
N ASP A 298 -12.97 18.00 6.65
CA ASP A 298 -12.65 18.98 7.69
C ASP A 298 -11.55 18.54 8.67
N LEU A 299 -10.88 17.44 8.35
CA LEU A 299 -9.69 17.03 9.09
C LEU A 299 -8.68 18.19 9.10
N ALA A 300 -8.10 18.44 10.28
CA ALA A 300 -7.16 19.55 10.48
C ALA A 300 -6.27 19.35 11.70
N ALA A 301 -5.01 19.83 11.61
CA ALA A 301 -4.05 19.72 12.72
C ALA A 301 -3.55 21.10 13.15
N ARG A 312 -3.88 24.23 9.17
CA ARG A 312 -3.50 22.89 8.72
C ARG A 312 -4.68 22.10 8.13
N VAL A 313 -5.02 22.35 6.86
CA VAL A 313 -6.25 21.76 6.30
C VAL A 313 -6.06 20.94 5.02
N LEU A 314 -7.17 20.58 4.38
CA LEU A 314 -7.14 19.88 3.11
C LEU A 314 -7.22 20.89 1.98
N ASN A 315 -6.44 20.65 0.94
CA ASN A 315 -6.37 21.61 -0.16
C ASN A 315 -7.64 21.63 -0.98
N ARG A 316 -7.87 22.75 -1.64
CA ARG A 316 -9.00 22.87 -2.54
C ARG A 316 -8.45 22.73 -3.96
N ASP A 317 -9.35 22.63 -4.94
CA ASP A 317 -8.94 22.40 -6.33
C ASP A 317 -8.10 23.56 -6.88
N ARG A 318 -7.55 23.35 -8.07
CA ARG A 318 -6.66 24.32 -8.69
C ARG A 318 -7.32 24.97 -9.92
N ASN A 319 -7.16 26.29 -10.05
CA ASN A 319 -7.73 27.02 -11.19
C ASN A 319 -6.69 27.38 -12.26
N TYR A 320 -7.08 27.23 -13.52
CA TYR A 320 -6.22 27.55 -14.64
C TYR A 320 -7.00 28.21 -15.76
N THR A 321 -6.28 28.86 -16.66
CA THR A 321 -6.86 29.38 -17.88
C THR A 321 -6.57 28.38 -18.99
N ALA A 322 -7.57 28.03 -19.79
CA ALA A 322 -7.36 27.11 -20.89
C ALA A 322 -6.44 27.78 -21.92
N PRO A 323 -5.69 26.98 -22.71
CA PRO A 323 -4.84 27.51 -23.78
C PRO A 323 -5.53 28.57 -24.65
N GLY A 324 -6.83 28.40 -24.88
CA GLY A 324 -7.62 29.34 -25.67
C GLY A 324 -8.35 30.37 -24.82
N GLY A 325 -7.71 30.80 -23.74
CA GLY A 325 -8.19 31.88 -22.91
C GLY A 325 -9.47 31.65 -22.13
N GLY A 326 -9.90 30.40 -22.00
CA GLY A 326 -11.13 30.08 -21.29
C GLY A 326 -10.89 29.98 -19.80
N GLN A 327 -11.50 28.98 -19.18
CA GLN A 327 -11.32 28.70 -17.75
C GLN A 327 -11.56 27.22 -17.45
N PHE A 328 -10.78 26.67 -16.51
CA PHE A 328 -11.00 25.29 -16.06
C PHE A 328 -10.41 25.00 -14.68
N THR A 329 -10.49 23.73 -14.29
CA THR A 329 -10.11 23.31 -12.95
C THR A 329 -9.61 21.85 -12.89
N LEU A 330 -8.64 21.59 -12.01
CA LEU A 330 -8.14 20.25 -11.76
C LEU A 330 -8.30 19.95 -10.27
N PRO A 331 -8.50 18.67 -9.89
CA PRO A 331 -8.66 18.34 -8.46
C PRO A 331 -7.34 18.57 -7.76
N GLY A 332 -7.37 18.93 -6.48
CA GLY A 332 -6.15 19.24 -5.76
C GLY A 332 -5.97 18.36 -4.55
N ARG A 333 -6.79 17.31 -4.46
CA ARG A 333 -6.65 16.28 -3.44
C ARG A 333 -6.36 14.92 -4.11
N SER A 334 -5.65 14.06 -3.40
CA SER A 334 -5.38 12.71 -3.87
C SER A 334 -6.57 11.79 -3.60
N LEU A 335 -7.25 11.35 -4.66
CA LEU A 335 -8.41 10.45 -4.59
C LEU A 335 -8.20 9.29 -3.63
N MET A 336 -9.08 9.12 -2.64
CA MET A 336 -8.82 8.14 -1.58
C MET A 336 -9.42 6.75 -1.79
N PHE A 337 -8.67 5.74 -1.38
CA PHE A 337 -9.17 4.40 -1.18
C PHE A 337 -9.17 4.28 0.33
N VAL A 338 -9.81 3.24 0.85
CA VAL A 338 -9.53 2.81 2.21
C VAL A 338 -9.19 1.32 2.20
N ARG A 339 -8.21 0.90 2.98
CA ARG A 339 -7.95 -0.53 3.12
C ARG A 339 -8.55 -1.07 4.42
N ASN A 340 -9.53 -1.96 4.29
CA ASN A 340 -10.15 -2.61 5.46
C ASN A 340 -9.26 -3.79 5.79
N VAL A 341 -9.48 -4.41 6.96
CA VAL A 341 -8.71 -5.60 7.31
C VAL A 341 -9.29 -6.80 6.57
N GLY A 342 -8.53 -7.90 6.51
CA GLY A 342 -8.96 -9.08 5.78
C GLY A 342 -9.96 -9.94 6.53
N HIS A 343 -9.96 -11.25 6.25
CA HIS A 343 -11.01 -12.14 6.76
C HIS A 343 -10.70 -12.80 8.09
N LEU A 344 -9.48 -12.69 8.56
CA LEU A 344 -9.07 -13.45 9.74
C LEU A 344 -9.60 -12.98 11.08
N MET A 345 -9.33 -11.72 11.42
CA MET A 345 -9.42 -11.32 12.81
C MET A 345 -10.84 -10.98 13.26
N THR A 346 -11.09 -11.25 14.53
CA THR A 346 -12.25 -10.69 15.22
C THR A 346 -11.74 -9.56 16.09
N ASN A 347 -12.66 -8.70 16.50
CA ASN A 347 -12.32 -7.60 17.38
C ASN A 347 -13.46 -7.36 18.38
N ASP A 348 -13.10 -7.05 19.63
CA ASP A 348 -14.09 -6.97 20.70
C ASP A 348 -14.87 -5.66 20.75
N ALA A 349 -14.75 -4.84 19.70
CA ALA A 349 -15.57 -3.64 19.59
C ALA A 349 -17.05 -4.02 19.60
N ILE A 350 -17.35 -5.19 19.04
CA ILE A 350 -18.66 -5.78 19.23
C ILE A 350 -18.45 -7.22 19.68
N VAL A 351 -19.09 -7.60 20.77
CA VAL A 351 -19.04 -9.00 21.19
C VAL A 351 -20.41 -9.65 21.10
N ASP A 352 -20.42 -10.95 21.33
CA ASP A 352 -21.62 -11.74 21.29
C ASP A 352 -22.23 -11.75 22.67
N THR A 353 -23.42 -12.33 22.77
CA THR A 353 -24.05 -12.50 24.07
C THR A 353 -23.23 -13.51 24.91
N ASP A 354 -22.61 -14.48 24.23
CA ASP A 354 -21.72 -15.44 24.91
C ASP A 354 -20.26 -14.95 24.98
N GLY A 355 -20.01 -13.74 24.48
CA GLY A 355 -18.69 -13.15 24.56
C GLY A 355 -17.84 -13.29 23.31
N SER A 356 -18.37 -13.96 22.30
CA SER A 356 -17.65 -14.16 21.03
C SER A 356 -17.47 -12.83 20.30
N GLU A 357 -16.23 -12.49 19.98
CA GLU A 357 -15.94 -11.25 19.28
C GLU A 357 -16.54 -11.28 17.88
N VAL A 358 -16.94 -10.13 17.37
CA VAL A 358 -17.49 -10.02 16.02
C VAL A 358 -16.35 -9.84 14.99
N PHE A 359 -16.45 -10.50 13.84
CA PHE A 359 -15.42 -10.41 12.79
C PHE A 359 -15.10 -8.96 12.38
N GLU A 360 -13.81 -8.63 12.41
CA GLU A 360 -13.36 -7.27 12.14
C GLU A 360 -13.55 -6.83 10.69
N GLY A 361 -13.32 -7.74 9.75
CA GLY A 361 -13.60 -7.49 8.35
C GLY A 361 -15.03 -7.03 8.12
N ILE A 362 -15.99 -7.81 8.62
CA ILE A 362 -17.40 -7.43 8.53
C ILE A 362 -17.64 -6.04 9.14
N MET A 363 -17.05 -5.77 10.30
CA MET A 363 -17.20 -4.45 10.92
C MET A 363 -16.62 -3.35 10.01
N ASP A 364 -15.42 -3.58 9.50
CA ASP A 364 -14.80 -2.61 8.61
C ASP A 364 -15.65 -2.28 7.39
N ALA A 365 -16.26 -3.27 6.73
CA ALA A 365 -17.11 -2.94 5.58
C ALA A 365 -18.26 -2.00 5.99
N LEU A 366 -18.94 -2.35 7.08
CA LEU A 366 -20.06 -1.55 7.58
C LEU A 366 -19.66 -0.09 7.91
N PHE A 367 -18.73 0.06 8.85
CA PHE A 367 -18.32 1.39 9.31
C PHE A 367 -17.55 2.26 8.29
N THR A 368 -16.46 1.75 7.71
CA THR A 368 -15.74 2.56 6.72
C THR A 368 -16.65 2.89 5.52
N GLY A 369 -17.54 1.96 5.16
CA GLY A 369 -18.46 2.21 4.06
C GLY A 369 -19.51 3.24 4.43
N LEU A 370 -20.00 3.15 5.67
CA LEU A 370 -20.93 4.17 6.15
C LEU A 370 -20.29 5.56 6.04
N ILE A 371 -19.07 5.66 6.57
CA ILE A 371 -18.35 6.91 6.64
C ILE A 371 -18.09 7.55 5.28
N ALA A 372 -17.80 6.71 4.28
CA ALA A 372 -17.44 7.17 2.94
C ALA A 372 -18.57 7.89 2.20
N ILE A 373 -19.81 7.71 2.68
CA ILE A 373 -20.96 8.37 2.09
C ILE A 373 -20.76 9.89 2.10
N HIS A 374 -20.15 10.41 3.18
CA HIS A 374 -19.87 11.84 3.30
C HIS A 374 -18.98 12.34 2.16
N GLY A 375 -18.08 11.49 1.69
CA GLY A 375 -17.15 11.84 0.64
C GLY A 375 -17.81 11.91 -0.72
N LEU A 376 -19.07 11.49 -0.82
CA LEU A 376 -19.81 11.56 -2.07
C LEU A 376 -20.68 12.81 -2.19
N LYS A 377 -20.63 13.68 -1.18
CA LYS A 377 -21.48 14.86 -1.16
C LYS A 377 -20.75 16.10 -0.66
N ALA A 378 -21.21 17.25 -1.12
CA ALA A 378 -20.56 18.54 -0.86
C ALA A 378 -20.19 18.78 0.59
N SER A 379 -18.90 19.09 0.78
CA SER A 379 -18.35 19.50 2.06
C SER A 379 -18.73 20.94 2.36
N ASP A 380 -19.90 21.13 2.99
CA ASP A 380 -20.43 22.47 3.29
C ASP A 380 -19.59 23.23 4.32
N ILE A 386 -14.96 16.34 -0.48
CA ILE A 386 -15.52 15.73 -1.69
C ILE A 386 -14.50 14.78 -2.33
N ASN A 387 -14.99 13.68 -2.90
CA ASN A 387 -14.13 12.60 -3.39
C ASN A 387 -14.51 12.04 -4.77
N SER A 388 -15.17 10.89 -4.81
CA SER A 388 -15.50 10.28 -6.10
C SER A 388 -16.62 10.99 -6.81
N ARG A 389 -16.27 11.82 -7.79
CA ARG A 389 -17.27 12.57 -8.51
C ARG A 389 -18.21 11.69 -9.36
N THR A 390 -17.87 10.40 -9.48
CA THR A 390 -18.66 9.47 -10.28
C THR A 390 -19.51 8.56 -9.40
N GLY A 391 -19.34 8.72 -8.09
CA GLY A 391 -20.21 8.09 -7.11
C GLY A 391 -19.80 6.72 -6.60
N SER A 392 -18.51 6.52 -6.30
CA SER A 392 -18.01 5.21 -5.84
C SER A 392 -17.31 5.28 -4.51
N ILE A 393 -17.27 4.15 -3.82
CA ILE A 393 -16.47 3.98 -2.61
C ILE A 393 -15.43 2.88 -2.85
N TYR A 394 -14.20 3.15 -2.46
CA TYR A 394 -13.05 2.32 -2.85
C TYR A 394 -12.42 1.61 -1.64
N ILE A 395 -12.63 0.30 -1.58
CA ILE A 395 -12.06 -0.51 -0.50
C ILE A 395 -11.04 -1.55 -1.02
N VAL A 396 -9.87 -1.57 -0.38
CA VAL A 396 -8.83 -2.52 -0.70
C VAL A 396 -8.86 -3.68 0.28
N LYS A 397 -9.28 -4.84 -0.20
CA LYS A 397 -9.37 -6.02 0.65
C LYS A 397 -8.11 -6.87 0.55
N PRO A 398 -7.38 -6.99 1.67
CA PRO A 398 -6.13 -7.73 1.79
C PRO A 398 -6.33 -9.20 2.17
N LYS A 399 -5.25 -9.98 2.00
CA LYS A 399 -5.15 -11.33 2.54
C LYS A 399 -6.25 -12.35 2.17
N MET A 400 -6.95 -12.14 1.08
CA MET A 400 -7.87 -13.18 0.56
C MET A 400 -7.17 -14.42 -0.03
N HIS A 401 -7.80 -15.58 0.17
CA HIS A 401 -7.33 -16.84 -0.40
C HIS A 401 -8.34 -17.47 -1.35
N GLY A 402 -8.18 -17.20 -2.64
CA GLY A 402 -8.96 -17.90 -3.64
C GLY A 402 -10.24 -17.20 -3.99
N PRO A 403 -10.86 -17.62 -5.10
CA PRO A 403 -12.03 -16.93 -5.63
C PRO A 403 -13.21 -16.97 -4.68
N ALA A 404 -13.39 -18.06 -3.94
CA ALA A 404 -14.53 -18.17 -3.01
C ALA A 404 -14.55 -17.04 -1.98
N GLU A 405 -13.37 -16.72 -1.45
CA GLU A 405 -13.25 -15.61 -0.51
C GLU A 405 -13.47 -14.23 -1.15
N VAL A 406 -13.35 -14.17 -2.48
CA VAL A 406 -13.61 -12.93 -3.22
C VAL A 406 -15.11 -12.72 -3.41
N ALA A 407 -15.81 -13.81 -3.69
CA ALA A 407 -17.26 -13.78 -3.84
C ALA A 407 -17.90 -13.40 -2.50
N PHE A 408 -17.25 -13.83 -1.41
CA PHE A 408 -17.72 -13.54 -0.07
C PHE A 408 -17.61 -12.06 0.17
N THR A 409 -16.51 -11.46 -0.26
CA THR A 409 -16.36 -10.02 -0.15
C THR A 409 -17.48 -9.27 -0.92
N CSO A 410 -17.74 -9.65 -2.20
CA CSO A 410 -18.90 -9.09 -2.92
CB CSO A 410 -19.18 -9.78 -4.26
SG CSO A 410 -17.93 -9.38 -5.52
C CSO A 410 -20.21 -9.09 -2.11
O CSO A 410 -20.90 -8.07 -2.03
OD CSO A 410 -18.77 -8.96 -7.05
N GLU A 411 -20.55 -10.25 -1.55
CA GLU A 411 -21.82 -10.44 -0.86
C GLU A 411 -21.89 -9.54 0.37
N LEU A 412 -20.77 -9.48 1.10
CA LEU A 412 -20.61 -8.54 2.20
C LEU A 412 -20.91 -7.10 1.77
N PHE A 413 -20.26 -6.65 0.71
CA PHE A 413 -20.43 -5.27 0.22
C PHE A 413 -21.85 -5.07 -0.28
N SER A 414 -22.41 -6.11 -0.88
CA SER A 414 -23.81 -6.08 -1.30
C SER A 414 -24.70 -5.74 -0.10
N ARG A 415 -24.64 -6.57 0.94
CA ARG A 415 -25.48 -6.43 2.12
C ARG A 415 -25.29 -5.06 2.78
N VAL A 416 -24.03 -4.63 2.89
CA VAL A 416 -23.71 -3.33 3.49
C VAL A 416 -24.33 -2.21 2.68
N GLU A 417 -24.35 -2.36 1.36
CA GLU A 417 -24.98 -1.34 0.52
C GLU A 417 -26.47 -1.21 0.82
N ASP A 418 -27.12 -2.34 1.08
CA ASP A 418 -28.55 -2.35 1.40
C ASP A 418 -28.79 -1.65 2.73
N VAL A 419 -28.04 -2.06 3.76
CA VAL A 419 -28.07 -1.43 5.06
C VAL A 419 -27.92 0.09 4.99
N LEU A 420 -27.02 0.55 4.13
CA LEU A 420 -26.73 1.97 3.99
C LEU A 420 -27.64 2.62 2.95
N GLY A 421 -28.43 1.80 2.26
CA GLY A 421 -29.30 2.29 1.20
C GLY A 421 -28.56 2.88 0.01
N LEU A 422 -27.42 2.29 -0.32
CA LEU A 422 -26.63 2.74 -1.46
C LEU A 422 -26.98 1.90 -2.68
N PRO A 423 -26.88 2.49 -3.88
CA PRO A 423 -27.06 1.69 -5.10
C PRO A 423 -26.11 0.51 -5.06
N GLN A 424 -26.50 -0.61 -5.64
CA GLN A 424 -25.64 -1.80 -5.64
C GLN A 424 -24.38 -1.50 -6.47
N ASN A 425 -23.27 -2.13 -6.10
CA ASN A 425 -21.97 -1.98 -6.77
C ASN A 425 -21.29 -0.63 -6.58
N THR A 426 -21.75 0.10 -5.57
CA THR A 426 -21.18 1.38 -5.16
C THR A 426 -19.83 1.17 -4.47
N MET A 427 -19.70 0.07 -3.75
CA MET A 427 -18.50 -0.18 -2.96
C MET A 427 -17.57 -1.07 -3.78
N LYS A 428 -16.67 -0.41 -4.51
CA LYS A 428 -15.67 -1.07 -5.35
C LYS A 428 -14.60 -1.76 -4.53
N ILE A 429 -13.96 -2.76 -5.11
CA ILE A 429 -12.95 -3.53 -4.39
C ILE A 429 -11.62 -3.59 -5.15
N GLY A 430 -10.52 -3.39 -4.42
CA GLY A 430 -9.19 -3.63 -4.95
C GLY A 430 -8.72 -4.92 -4.35
N ILE A 431 -8.55 -5.93 -5.21
CA ILE A 431 -8.10 -7.26 -4.80
C ILE A 431 -6.58 -7.28 -4.64
N MET A 432 -6.09 -7.36 -3.40
CA MET A 432 -4.67 -7.58 -3.19
C MET A 432 -4.33 -8.98 -3.63
N ASP A 433 -3.30 -9.12 -4.46
CA ASP A 433 -2.76 -10.43 -4.76
C ASP A 433 -1.57 -10.68 -3.85
N GLU A 434 -1.81 -11.23 -2.66
CA GLU A 434 -0.74 -11.45 -1.69
C GLU A 434 -0.82 -12.80 -0.98
N GLU A 435 -1.60 -13.72 -1.53
CA GLU A 435 -1.64 -15.08 -0.99
C GLU A 435 -1.52 -16.08 -2.15
N ARG A 436 -0.77 -17.17 -1.94
CA ARG A 436 -0.51 -18.15 -2.99
C ARG A 436 -1.77 -18.72 -3.66
N ARG A 437 -2.83 -18.96 -2.88
CA ARG A 437 -4.06 -19.53 -3.41
C ARG A 437 -4.80 -18.53 -4.30
N THR A 438 -4.56 -17.25 -4.05
CA THR A 438 -5.11 -16.24 -4.94
C THR A 438 -4.30 -16.13 -6.24
N THR A 439 -2.98 -16.11 -6.14
CA THR A 439 -2.12 -16.03 -7.35
C THR A 439 -2.52 -17.06 -8.42
N VAL A 440 -2.44 -18.34 -8.06
CA VAL A 440 -2.65 -19.43 -9.01
C VAL A 440 -4.10 -19.60 -9.47
N ASN A 441 -5.00 -18.77 -8.93
CA ASN A 441 -6.39 -18.74 -9.35
C ASN A 441 -6.81 -17.32 -9.57
N LEU A 442 -5.88 -16.49 -10.03
CA LEU A 442 -6.10 -15.06 -10.09
C LEU A 442 -7.21 -14.67 -11.06
N LYS A 443 -7.23 -15.32 -12.22
CA LYS A 443 -8.25 -15.05 -13.23
C LYS A 443 -9.66 -15.30 -12.71
N ALA A 444 -9.80 -16.35 -11.90
CA ALA A 444 -11.08 -16.70 -11.27
C ALA A 444 -11.44 -15.69 -10.19
N CYS A 445 -10.42 -15.24 -9.47
CA CYS A 445 -10.58 -14.24 -8.43
C CYS A 445 -11.15 -12.94 -8.99
N ILE A 446 -10.58 -12.47 -10.10
CA ILE A 446 -11.05 -11.24 -10.73
C ILE A 446 -12.45 -11.40 -11.29
N LYS A 447 -12.73 -12.58 -11.84
CA LYS A 447 -14.04 -12.86 -12.43
C LYS A 447 -15.10 -12.79 -11.34
N ALA A 448 -14.72 -13.25 -10.15
CA ALA A 448 -15.61 -13.25 -8.99
C ALA A 448 -15.90 -11.83 -8.51
N ALA A 449 -15.10 -10.86 -8.94
CA ALA A 449 -15.38 -9.47 -8.62
C ALA A 449 -15.55 -8.68 -9.90
N ALA A 450 -15.99 -9.33 -10.96
CA ALA A 450 -15.90 -8.76 -12.30
C ALA A 450 -16.60 -7.42 -12.46
N ASP A 451 -17.61 -7.17 -11.61
CA ASP A 451 -18.41 -5.96 -11.72
C ASP A 451 -18.07 -4.91 -10.66
N ARG A 452 -17.20 -5.29 -9.73
CA ARG A 452 -16.77 -4.38 -8.65
C ARG A 452 -15.29 -4.04 -8.67
N VAL A 453 -14.48 -4.91 -9.29
CA VAL A 453 -13.03 -4.79 -9.20
C VAL A 453 -12.51 -3.49 -9.83
N VAL A 454 -11.58 -2.83 -9.13
CA VAL A 454 -10.96 -1.64 -9.67
C VAL A 454 -9.43 -1.71 -9.61
N PHE A 455 -8.87 -2.82 -9.10
CA PHE A 455 -7.46 -2.83 -8.69
C PHE A 455 -6.91 -4.22 -8.37
N ILE A 456 -5.82 -4.63 -9.04
CA ILE A 456 -5.02 -5.70 -8.47
C ILE A 456 -3.67 -5.16 -7.98
N ASN A 457 -2.87 -5.99 -7.33
CA ASN A 457 -1.64 -5.52 -6.71
C ASN A 457 -0.85 -6.66 -6.12
N THR A 458 0.46 -6.65 -6.38
CA THR A 458 1.36 -7.66 -5.87
C THR A 458 2.28 -7.00 -4.87
N GLY A 459 2.92 -7.80 -4.03
CA GLY A 459 3.98 -7.29 -3.15
C GLY A 459 4.89 -8.39 -2.66
N PHE A 460 6.06 -8.03 -2.16
CA PHE A 460 6.98 -9.01 -1.60
C PHE A 460 6.42 -9.67 -0.33
N LEU A 461 6.28 -8.89 0.75
CA LEU A 461 6.24 -9.44 2.10
C LEU A 461 5.16 -10.48 2.41
N ASP A 462 3.88 -10.10 2.35
CA ASP A 462 2.80 -11.08 2.64
C ASP A 462 2.85 -12.32 1.73
N ARG A 463 2.92 -12.08 0.42
CA ARG A 463 2.98 -13.18 -0.55
C ARG A 463 4.11 -14.16 -0.26
N THR A 464 5.23 -13.64 0.24
CA THR A 464 6.35 -14.51 0.59
C THR A 464 6.16 -15.18 1.95
N GLY A 465 5.44 -14.52 2.85
CA GLY A 465 5.05 -15.17 4.09
C GLY A 465 4.24 -16.41 3.78
N ASP A 466 3.24 -16.25 2.90
CA ASP A 466 2.36 -17.35 2.54
C ASP A 466 3.06 -18.46 1.76
N GLU A 467 3.96 -18.06 0.86
CA GLU A 467 4.76 -19.01 0.09
C GLU A 467 5.47 -19.95 1.05
N ILE A 468 6.16 -19.38 2.04
CA ILE A 468 6.93 -20.17 3.01
C ILE A 468 6.03 -21.02 3.91
N HIS A 469 4.92 -20.45 4.39
CA HIS A 469 4.06 -21.23 5.27
C HIS A 469 3.46 -22.40 4.52
N THR A 470 2.91 -22.13 3.33
CA THR A 470 2.26 -23.16 2.54
C THR A 470 3.17 -24.37 2.29
N SER A 471 4.47 -24.12 2.13
CA SER A 471 5.41 -25.21 1.85
C SER A 471 6.31 -25.51 3.04
N MET A 472 5.84 -25.16 4.23
CA MET A 472 6.58 -25.39 5.46
C MET A 472 7.19 -26.80 5.61
N GLU A 473 6.42 -27.83 5.28
CA GLU A 473 6.87 -29.20 5.49
C GLU A 473 7.82 -29.71 4.40
N ALA A 474 7.94 -28.96 3.31
CA ALA A 474 8.73 -29.42 2.17
C ALA A 474 10.22 -29.54 2.49
N GLY A 475 10.73 -28.65 3.34
CA GLY A 475 12.17 -28.56 3.61
C GLY A 475 12.63 -27.12 3.88
N PRO A 476 13.94 -26.95 4.17
CA PRO A 476 14.54 -25.64 4.41
C PRO A 476 14.37 -24.69 3.20
N MET A 477 14.08 -23.42 3.47
CA MET A 477 13.87 -22.45 2.40
C MET A 477 15.12 -21.59 2.19
N VAL A 478 15.14 -20.82 1.10
CA VAL A 478 16.27 -19.91 0.86
C VAL A 478 16.16 -18.68 1.75
N ARG A 479 17.29 -18.02 2.01
CA ARG A 479 17.32 -16.82 2.83
C ARG A 479 16.38 -15.76 2.26
N LYS A 480 15.90 -14.88 3.15
CA LYS A 480 14.93 -13.84 2.78
C LYS A 480 15.39 -13.03 1.57
N GLY A 481 16.68 -12.68 1.54
CA GLY A 481 17.23 -11.88 0.45
C GLY A 481 17.18 -12.54 -0.92
N THR A 482 17.21 -13.86 -0.93
CA THR A 482 17.20 -14.63 -2.14
C THR A 482 15.80 -14.72 -2.75
N MET A 483 14.77 -14.49 -1.93
CA MET A 483 13.38 -14.68 -2.35
C MET A 483 12.98 -13.74 -3.49
N LYS A 484 13.49 -12.50 -3.44
CA LYS A 484 13.18 -11.48 -4.44
C LYS A 484 13.48 -11.96 -5.85
N SER A 485 14.49 -12.83 -5.97
CA SER A 485 14.98 -13.27 -7.26
C SER A 485 14.59 -14.71 -7.60
N GLN A 486 13.74 -15.32 -6.77
CA GLN A 486 13.33 -16.72 -6.98
C GLN A 486 12.34 -16.83 -8.12
N PRO A 487 12.33 -17.98 -8.81
CA PRO A 487 11.40 -18.19 -9.92
C PRO A 487 9.92 -17.95 -9.59
N TRP A 488 9.43 -18.49 -8.47
CA TRP A 488 8.00 -18.33 -8.14
C TRP A 488 7.57 -16.88 -8.14
N ILE A 489 8.40 -15.98 -7.60
CA ILE A 489 7.99 -14.59 -7.45
C ILE A 489 8.09 -13.78 -8.74
N LEU A 490 9.03 -14.13 -9.62
CA LEU A 490 9.11 -13.48 -10.91
C LEU A 490 7.91 -13.88 -11.76
N ALA A 491 7.53 -15.14 -11.67
CA ALA A 491 6.37 -15.63 -12.41
C ALA A 491 5.13 -14.93 -11.89
N TYR A 492 5.06 -14.82 -10.57
CA TYR A 492 3.94 -14.17 -9.89
C TYR A 492 3.80 -12.73 -10.29
N GLU A 493 4.89 -11.97 -10.24
CA GLU A 493 4.85 -10.59 -10.69
C GLU A 493 4.31 -10.45 -12.11
N ASP A 494 4.76 -11.32 -13.01
CA ASP A 494 4.37 -11.21 -14.41
C ASP A 494 2.93 -11.68 -14.61
N HIS A 495 2.61 -12.82 -14.02
CA HIS A 495 1.27 -13.42 -14.05
C HIS A 495 0.16 -12.45 -13.59
N ASN A 496 0.48 -11.54 -12.67
CA ASN A 496 -0.52 -10.59 -12.16
C ASN A 496 -0.87 -9.54 -13.21
N VAL A 497 0.18 -8.98 -13.82
CA VAL A 497 0.04 -8.05 -14.92
C VAL A 497 -0.78 -8.68 -16.06
N ASP A 498 -0.42 -9.91 -16.44
CA ASP A 498 -1.14 -10.61 -17.51
C ASP A 498 -2.62 -10.85 -17.22
N ALA A 499 -2.94 -11.37 -16.03
CA ALA A 499 -4.33 -11.63 -15.69
C ALA A 499 -5.13 -10.32 -15.67
N GLY A 500 -4.51 -9.26 -15.17
CA GLY A 500 -5.15 -7.95 -15.20
C GLY A 500 -5.45 -7.50 -16.62
N LEU A 501 -4.41 -7.45 -17.45
CA LEU A 501 -4.54 -7.05 -18.84
C LEU A 501 -5.54 -7.90 -19.63
N ALA A 502 -5.46 -9.22 -19.46
CA ALA A 502 -6.37 -10.15 -20.15
C ALA A 502 -7.83 -9.95 -19.74
N ALA A 503 -8.05 -9.47 -18.51
CA ALA A 503 -9.40 -9.20 -18.02
C ALA A 503 -9.82 -7.78 -18.37
N GLY A 504 -8.95 -7.07 -19.10
CA GLY A 504 -9.32 -5.77 -19.64
C GLY A 504 -9.01 -4.59 -18.74
N PHE A 505 -8.04 -4.77 -17.84
CA PHE A 505 -7.68 -3.72 -16.89
C PHE A 505 -7.25 -2.40 -17.54
N SER A 506 -6.60 -2.47 -18.70
CA SER A 506 -6.14 -1.26 -19.38
C SER A 506 -7.31 -0.34 -19.76
N GLY A 507 -7.37 0.84 -19.13
CA GLY A 507 -8.46 1.78 -19.35
C GLY A 507 -9.62 1.61 -18.38
N ARG A 508 -9.61 0.52 -17.61
CA ARG A 508 -10.70 0.24 -16.69
C ARG A 508 -10.27 0.15 -15.22
N ALA A 509 -9.11 -0.44 -14.95
CA ALA A 509 -8.68 -0.65 -13.57
C ALA A 509 -7.16 -0.61 -13.40
N GLN A 510 -6.72 -0.34 -12.17
CA GLN A 510 -5.30 -0.29 -11.83
C GLN A 510 -4.66 -1.68 -11.71
N VAL A 511 -3.50 -1.84 -12.35
CA VAL A 511 -2.64 -2.98 -12.08
C VAL A 511 -1.44 -2.45 -11.31
N GLY A 512 -1.31 -2.84 -10.05
CA GLY A 512 -0.33 -2.24 -9.16
C GLY A 512 0.80 -3.12 -8.65
N LYS A 513 1.88 -2.48 -8.18
CA LYS A 513 3.02 -3.23 -7.66
C LYS A 513 3.55 -2.63 -6.35
N GLY A 514 4.42 -3.38 -5.68
CA GLY A 514 4.74 -3.14 -4.28
C GLY A 514 5.53 -1.91 -3.85
N MET A 515 5.79 -1.84 -2.54
CA MET A 515 6.28 -0.64 -1.87
C MET A 515 7.79 -0.51 -1.91
N TRP A 516 8.26 0.73 -2.10
CA TRP A 516 9.64 1.05 -1.86
C TRP A 516 9.82 1.32 -0.37
N THR A 517 10.61 0.50 0.31
CA THR A 517 10.72 0.57 1.76
C THR A 517 11.89 1.41 2.29
N MET A 518 12.87 1.73 1.44
CA MET A 518 14.04 2.50 1.90
C MET A 518 13.85 4.01 1.77
N THR A 519 13.23 4.60 2.79
CA THR A 519 12.81 5.99 2.75
C THR A 519 13.90 7.04 2.57
N GLU A 520 15.12 6.74 2.99
CA GLU A 520 16.20 7.70 2.80
C GLU A 520 16.94 7.48 1.47
N LEU A 521 16.76 6.31 0.86
CA LEU A 521 17.44 5.96 -0.39
C LEU A 521 16.65 6.33 -1.64
N MET A 522 16.61 7.64 -1.95
CA MET A 522 15.77 8.13 -3.04
C MET A 522 16.44 8.09 -4.43
N ALA A 523 17.72 8.43 -4.47
CA ALA A 523 18.51 8.21 -5.69
C ALA A 523 18.32 6.76 -6.15
N ASP A 524 18.54 5.83 -5.22
CA ASP A 524 18.36 4.41 -5.50
C ASP A 524 16.91 4.11 -5.94
N MET A 525 15.92 4.76 -5.33
CA MET A 525 14.53 4.56 -5.74
C MET A 525 14.34 5.07 -7.16
N VAL A 526 14.89 6.25 -7.42
CA VAL A 526 14.71 6.88 -8.72
C VAL A 526 15.36 6.05 -9.85
N GLU A 527 16.45 5.35 -9.56
CA GLU A 527 17.02 4.52 -10.60
C GLU A 527 16.33 3.15 -10.74
N THR A 528 15.89 2.58 -9.62
CA THR A 528 15.40 1.20 -9.60
C THR A 528 13.90 1.07 -9.94
N LYS A 529 13.07 1.86 -9.26
CA LYS A 529 11.61 1.66 -9.24
C LYS A 529 10.96 1.85 -10.62
N ILE A 530 11.72 2.40 -11.57
CA ILE A 530 11.24 2.60 -12.93
C ILE A 530 10.85 1.26 -13.58
N ALA A 531 11.45 0.16 -13.12
CA ALA A 531 11.12 -1.16 -13.66
C ALA A 531 9.63 -1.53 -13.50
N GLN A 532 8.98 -0.97 -12.47
CA GLN A 532 7.57 -1.28 -12.26
C GLN A 532 6.64 -0.74 -13.37
N PRO A 533 6.74 0.55 -13.71
CA PRO A 533 5.93 0.98 -14.87
C PRO A 533 6.39 0.30 -16.18
N ARG A 534 7.67 -0.06 -16.22
CA ARG A 534 8.22 -0.75 -17.38
C ARG A 534 7.70 -2.17 -17.44
N ALA A 535 7.33 -2.69 -16.27
CA ALA A 535 6.74 -4.02 -16.17
C ALA A 535 5.27 -3.98 -16.54
N GLY A 536 4.77 -2.78 -16.87
CA GLY A 536 3.36 -2.60 -17.21
C GLY A 536 2.45 -2.19 -16.03
N ALA A 537 3.05 -1.79 -14.91
CA ALA A 537 2.25 -1.45 -13.73
C ALA A 537 1.64 -0.06 -13.78
N SER A 538 0.32 0.00 -13.90
CA SER A 538 -0.43 1.26 -13.85
C SER A 538 -0.22 2.12 -12.59
N THR A 539 0.37 1.54 -11.55
CA THR A 539 0.60 2.28 -10.32
C THR A 539 1.47 1.44 -9.42
N ALA A 540 2.16 2.08 -8.47
CA ALA A 540 2.95 1.33 -7.50
C ALA A 540 3.06 2.10 -6.20
N TRP A 541 3.41 1.39 -5.13
CA TRP A 541 3.39 1.97 -3.78
C TRP A 541 4.65 2.75 -3.40
N VAL A 542 4.42 3.90 -2.78
CA VAL A 542 5.46 4.78 -2.23
C VAL A 542 5.08 5.14 -0.78
N PRO A 543 6.09 5.33 0.10
CA PRO A 543 5.90 5.49 1.54
C PRO A 543 5.76 6.92 2.05
N SER A 544 5.74 7.91 1.16
CA SER A 544 5.68 9.31 1.59
C SER A 544 5.29 10.23 0.43
N PRO A 545 4.82 11.44 0.75
CA PRO A 545 4.52 12.40 -0.33
C PRO A 545 5.76 12.78 -1.17
N THR A 546 6.92 12.91 -0.53
CA THR A 546 8.18 13.16 -1.22
C THR A 546 8.48 12.09 -2.29
N ALA A 547 8.49 10.83 -1.84
CA ALA A 547 8.74 9.71 -2.72
C ALA A 547 7.69 9.61 -3.83
N ALA A 548 6.48 10.08 -3.55
CA ALA A 548 5.44 10.08 -4.56
C ALA A 548 5.79 11.07 -5.66
N THR A 549 6.42 12.17 -5.27
CA THR A 549 6.83 13.15 -6.25
C THR A 549 7.93 12.55 -7.16
N LEU A 550 8.98 12.02 -6.54
CA LEU A 550 10.10 11.42 -7.28
C LEU A 550 9.62 10.25 -8.15
N HIS A 551 8.75 9.39 -7.61
CA HIS A 551 8.24 8.27 -8.39
C HIS A 551 7.38 8.73 -9.56
N ALA A 552 6.80 9.93 -9.47
CA ALA A 552 6.08 10.51 -10.60
C ALA A 552 6.99 10.68 -11.83
N LEU A 553 8.28 10.88 -11.59
CA LEU A 553 9.24 10.99 -12.70
C LEU A 553 9.16 9.77 -13.63
N HIS A 554 8.94 8.60 -13.05
CA HIS A 554 8.89 7.36 -13.84
C HIS A 554 7.76 7.28 -14.86
N TYR A 555 6.64 7.93 -14.60
CA TYR A 555 5.48 7.83 -15.48
C TYR A 555 5.59 8.90 -16.57
N HIS A 556 6.49 9.85 -16.35
CA HIS A 556 6.81 10.84 -17.36
C HIS A 556 7.76 10.23 -18.39
N GLN A 557 8.62 9.35 -17.90
CA GLN A 557 9.61 8.66 -18.74
C GLN A 557 9.07 7.44 -19.46
N VAL A 558 8.22 6.69 -18.78
CA VAL A 558 7.64 5.47 -19.32
C VAL A 558 6.21 5.75 -19.80
N ASP A 559 5.86 5.25 -20.98
CA ASP A 559 4.51 5.37 -21.47
C ASP A 559 3.75 4.08 -21.11
N VAL A 560 3.24 4.03 -19.88
CA VAL A 560 2.60 2.82 -19.35
C VAL A 560 1.43 2.33 -20.24
N ALA A 561 0.69 3.26 -20.83
CA ALA A 561 -0.45 2.88 -21.65
C ALA A 561 0.00 2.07 -22.85
N ALA A 562 1.19 2.40 -23.37
CA ALA A 562 1.78 1.73 -24.51
C ALA A 562 2.39 0.38 -24.12
N VAL A 563 3.04 0.34 -22.96
CA VAL A 563 3.64 -0.89 -22.45
C VAL A 563 2.55 -1.97 -22.29
N GLN A 564 1.38 -1.55 -21.81
CA GLN A 564 0.23 -2.43 -21.60
C GLN A 564 -0.38 -2.93 -22.89
N GLN A 565 -0.42 -2.08 -23.90
CA GLN A 565 -0.86 -2.54 -25.21
C GLN A 565 0.06 -3.66 -25.68
N GLY A 566 1.37 -3.42 -25.61
CA GLY A 566 2.37 -4.35 -26.08
C GLY A 566 2.38 -5.71 -25.39
N LEU A 567 1.93 -5.75 -24.14
CA LEU A 567 1.90 -6.99 -23.38
C LEU A 567 0.64 -7.82 -23.64
N ALA A 568 -0.31 -7.27 -24.39
CA ALA A 568 -1.64 -7.87 -24.43
C ALA A 568 -1.73 -9.20 -25.19
N GLY A 569 -1.97 -10.28 -24.44
CA GLY A 569 -2.22 -11.57 -25.04
C GLY A 569 -1.13 -12.55 -24.67
N LYS A 570 -0.05 -12.04 -24.10
CA LYS A 570 1.10 -12.86 -23.73
C LYS A 570 0.85 -13.63 -22.44
N ARG A 571 1.17 -14.92 -22.46
CA ARG A 571 1.17 -15.72 -21.24
C ARG A 571 2.61 -15.94 -20.82
N ARG A 572 3.13 -15.01 -20.02
CA ARG A 572 4.54 -14.98 -19.69
C ARG A 572 4.90 -15.82 -18.47
N ALA A 573 3.89 -16.41 -17.84
CA ALA A 573 4.08 -17.24 -16.66
C ALA A 573 3.21 -18.49 -16.74
N THR A 574 3.76 -19.62 -16.32
CA THR A 574 3.07 -20.90 -16.36
C THR A 574 2.79 -21.38 -14.94
N ILE A 575 1.82 -22.26 -14.79
CA ILE A 575 1.45 -22.73 -13.45
C ILE A 575 2.64 -23.45 -12.79
N GLU A 576 3.55 -23.95 -13.62
CA GLU A 576 4.70 -24.71 -13.14
C GLU A 576 5.71 -23.80 -12.44
N GLN A 577 5.86 -22.59 -12.97
CA GLN A 577 6.77 -21.61 -12.41
C GLN A 577 6.18 -21.02 -11.14
N LEU A 578 4.89 -20.72 -11.20
CA LEU A 578 4.17 -20.24 -10.02
C LEU A 578 4.41 -21.21 -8.86
N LEU A 579 4.25 -22.51 -9.14
CA LEU A 579 4.33 -23.56 -8.12
C LEU A 579 5.73 -24.04 -7.79
N THR A 580 6.75 -23.34 -8.26
CA THR A 580 8.13 -23.72 -7.98
C THR A 580 8.51 -23.21 -6.60
N ILE A 581 8.71 -24.14 -5.68
CA ILE A 581 8.90 -23.83 -4.26
C ILE A 581 10.32 -23.34 -3.97
N PRO A 582 10.46 -22.25 -3.20
CA PRO A 582 11.83 -21.77 -2.98
C PRO A 582 12.62 -22.62 -1.98
N LEU A 583 12.68 -23.93 -2.22
CA LEU A 583 13.52 -24.81 -1.41
C LEU A 583 14.96 -24.41 -1.56
N ALA A 584 15.75 -24.62 -0.51
CA ALA A 584 17.17 -24.34 -0.55
C ALA A 584 17.97 -25.56 -1.05
N LYS A 585 19.06 -25.33 -1.77
CA LYS A 585 19.90 -26.44 -2.20
C LYS A 585 20.54 -27.08 -0.97
N GLU A 586 20.74 -28.40 -1.03
CA GLU A 586 21.31 -29.16 0.09
C GLU A 586 22.66 -28.61 0.53
N LEU A 587 22.76 -28.29 1.83
CA LEU A 587 23.99 -27.75 2.42
C LEU A 587 24.51 -26.54 1.67
N ALA A 588 23.66 -25.52 1.55
CA ALA A 588 23.99 -24.35 0.77
C ALA A 588 24.75 -23.31 1.59
N TRP A 589 24.59 -23.34 2.91
CA TRP A 589 25.10 -22.24 3.73
C TRP A 589 26.25 -22.58 4.67
N ALA A 590 27.21 -21.66 4.76
CA ALA A 590 28.28 -21.77 5.74
C ALA A 590 27.74 -21.24 7.09
N PRO A 591 28.08 -21.93 8.19
CA PRO A 591 27.66 -21.62 9.56
C PRO A 591 27.53 -20.13 9.91
N ASP A 592 28.44 -19.31 9.37
CA ASP A 592 28.39 -17.85 9.58
C ASP A 592 27.27 -17.19 8.78
N GLU A 593 26.94 -17.78 7.63
CA GLU A 593 25.85 -17.29 6.78
C GLU A 593 24.53 -17.59 7.47
N ILE A 594 24.47 -18.73 8.15
CA ILE A 594 23.29 -19.11 8.92
C ILE A 594 23.10 -18.14 10.08
N ARG A 595 24.17 -17.84 10.79
CA ARG A 595 24.13 -16.93 11.93
C ARG A 595 23.73 -15.53 11.48
N GLU A 596 24.29 -15.08 10.35
CA GLU A 596 23.99 -13.75 9.83
C GLU A 596 22.50 -13.59 9.52
N GLU A 597 21.91 -14.67 9.03
CA GLU A 597 20.51 -14.63 8.62
C GLU A 597 19.57 -14.73 9.80
N VAL A 598 19.99 -15.46 10.83
CA VAL A 598 19.21 -15.61 12.05
C VAL A 598 19.19 -14.27 12.78
N ASP A 599 20.39 -13.72 12.99
CA ASP A 599 20.54 -12.41 13.61
C ASP A 599 19.76 -11.34 12.86
N ASN A 600 19.73 -11.46 11.53
CA ASN A 600 19.01 -10.52 10.68
C ASN A 600 17.50 -10.59 10.88
N ASN A 601 16.99 -11.82 10.93
CA ASN A 601 15.56 -12.01 11.06
C ASN A 601 15.07 -11.67 12.46
N CYS A 602 15.88 -11.99 13.47
CA CYS A 602 15.52 -11.71 14.85
C CYS A 602 15.57 -10.20 15.08
N GLN A 603 16.42 -9.51 14.34
CA GLN A 603 16.48 -8.06 14.47
C GLN A 603 15.28 -7.41 13.78
N SER A 604 14.88 -7.97 12.65
CA SER A 604 13.71 -7.46 11.93
C SER A 604 12.43 -7.60 12.77
N ILE A 605 12.26 -8.76 13.40
CA ILE A 605 11.11 -9.00 14.28
C ILE A 605 11.14 -8.13 15.55
N LEU A 606 12.23 -8.21 16.30
CA LEU A 606 12.43 -7.36 17.47
C LEU A 606 12.25 -5.86 17.17
N GLY A 607 12.85 -5.39 16.06
CA GLY A 607 12.79 -3.98 15.72
C GLY A 607 11.37 -3.48 15.50
N TYR A 608 10.54 -4.30 14.86
CA TYR A 608 9.17 -3.92 14.53
C TYR A 608 8.22 -4.21 15.71
N VAL A 609 8.38 -5.37 16.34
CA VAL A 609 7.52 -5.77 17.44
C VAL A 609 7.55 -4.77 18.61
N VAL A 610 8.74 -4.34 19.02
CA VAL A 610 8.86 -3.52 20.23
C VAL A 610 8.08 -2.23 20.10
N ARG A 611 8.11 -1.64 18.91
CA ARG A 611 7.37 -0.42 18.66
C ARG A 611 5.88 -0.71 18.62
N TRP A 612 5.52 -1.90 18.12
CA TRP A 612 4.13 -2.32 17.96
C TRP A 612 3.46 -2.58 19.32
N VAL A 613 4.09 -3.41 20.14
CA VAL A 613 3.56 -3.81 21.45
C VAL A 613 3.60 -2.70 22.51
N ASP A 614 4.73 -1.98 22.58
CA ASP A 614 4.93 -0.95 23.60
C ASP A 614 4.28 0.39 23.27
N GLN A 615 4.10 0.69 22.00
CA GLN A 615 3.67 2.04 21.61
C GLN A 615 2.51 2.11 20.59
N GLY A 616 1.99 0.95 20.19
CA GLY A 616 0.89 0.94 19.23
C GLY A 616 1.25 1.53 17.87
N VAL A 617 2.52 1.44 17.49
CA VAL A 617 2.99 1.92 16.19
C VAL A 617 3.00 0.80 15.15
N GLY A 618 2.28 0.99 14.05
CA GLY A 618 2.16 -0.03 13.03
C GLY A 618 3.09 0.12 11.83
N ALA A 619 3.61 1.33 11.62
CA ALA A 619 4.63 1.56 10.59
C ALA A 619 5.49 2.74 10.97
N SER A 620 6.80 2.62 10.75
CA SER A 620 7.73 3.68 11.09
C SER A 620 9.09 3.45 10.46
N LYS A 621 9.96 4.45 10.61
CA LYS A 621 11.35 4.33 10.14
C LYS A 621 12.16 3.46 11.09
N VAL A 622 12.13 2.15 10.85
CA VAL A 622 12.88 1.17 11.65
C VAL A 622 14.24 0.88 11.02
N PRO A 623 15.34 1.22 11.72
CA PRO A 623 16.68 0.85 11.28
C PRO A 623 16.80 -0.67 11.22
N ASP A 624 17.37 -1.20 10.15
CA ASP A 624 17.59 -2.65 10.07
C ASP A 624 18.92 -3.00 10.75
N ILE A 625 19.37 -4.25 10.60
CA ILE A 625 20.61 -4.68 11.24
C ILE A 625 21.86 -3.86 10.81
N HIS A 626 21.83 -3.30 9.60
CA HIS A 626 22.91 -2.44 9.11
C HIS A 626 22.59 -0.95 9.23
N ASP A 627 21.57 -0.63 10.02
CA ASP A 627 21.11 0.74 10.25
C ASP A 627 20.52 1.48 9.02
N VAL A 628 20.09 0.72 8.01
CA VAL A 628 19.29 1.28 6.90
C VAL A 628 17.82 1.41 7.32
N ALA A 629 17.23 2.57 7.04
CA ALA A 629 15.89 2.88 7.54
C ALA A 629 14.80 2.33 6.65
N LEU A 630 14.14 1.27 7.09
CA LEU A 630 13.09 0.63 6.31
C LEU A 630 11.74 1.05 6.85
N MET A 631 10.81 1.38 5.95
CA MET A 631 9.42 1.68 6.32
C MET A 631 8.53 0.52 5.93
N GLU A 632 8.58 -0.56 6.71
CA GLU A 632 7.77 -1.74 6.42
C GLU A 632 6.53 -1.79 7.31
N ASP A 633 5.53 -2.54 6.84
CA ASP A 633 4.34 -2.84 7.64
C ASP A 633 4.48 -4.21 8.30
N ARG A 634 3.37 -4.75 8.80
CA ARG A 634 3.36 -5.96 9.63
C ARG A 634 3.73 -7.23 8.86
N ALA A 635 3.51 -7.20 7.55
CA ALA A 635 3.94 -8.29 6.67
C ALA A 635 5.42 -8.69 6.84
N THR A 636 6.26 -7.76 7.29
CA THR A 636 7.67 -8.08 7.53
C THR A 636 7.85 -8.96 8.75
N LEU A 637 6.81 -9.08 9.56
CA LEU A 637 6.85 -9.92 10.73
C LEU A 637 6.46 -11.34 10.31
N ARG A 638 5.61 -11.45 9.31
CA ARG A 638 5.14 -12.73 8.83
C ARG A 638 6.30 -13.49 8.14
N ILE A 639 6.92 -12.86 7.15
CA ILE A 639 8.02 -13.51 6.42
C ILE A 639 9.18 -13.88 7.34
N SER A 640 9.65 -12.92 8.14
CA SER A 640 10.79 -13.14 9.03
C SER A 640 10.55 -14.25 10.05
N SER A 641 9.36 -14.26 10.66
CA SER A 641 9.04 -15.32 11.63
C SER A 641 8.84 -16.70 10.98
N GLN A 642 8.08 -16.72 9.88
CA GLN A 642 7.86 -17.96 9.12
C GLN A 642 9.19 -18.59 8.68
N LEU A 643 10.17 -17.74 8.38
CA LEU A 643 11.45 -18.23 7.89
C LEU A 643 12.26 -18.87 9.01
N LEU A 644 12.40 -18.19 10.15
CA LEU A 644 13.07 -18.81 11.28
C LEU A 644 12.33 -20.07 11.73
N ALA A 645 11.01 -20.05 11.62
CA ALA A 645 10.22 -21.18 12.05
C ALA A 645 10.44 -22.35 11.09
N ASN A 646 10.47 -22.05 9.80
CA ASN A 646 10.86 -23.03 8.78
C ASN A 646 12.24 -23.65 9.05
N TRP A 647 13.21 -22.79 9.30
CA TRP A 647 14.57 -23.26 9.53
C TRP A 647 14.65 -24.11 10.78
N LEU A 648 13.86 -23.73 11.78
CA LEU A 648 13.71 -24.49 13.01
C LEU A 648 13.19 -25.91 12.75
N ARG A 649 12.03 -25.98 12.09
CA ARG A 649 11.39 -27.26 11.74
C ARG A 649 12.35 -28.28 11.13
N HIS A 650 13.24 -27.81 10.27
CA HIS A 650 14.08 -28.73 9.51
C HIS A 650 15.50 -28.87 10.05
N GLY A 651 15.75 -28.28 11.21
CA GLY A 651 17.01 -28.51 11.88
C GLY A 651 18.17 -27.72 11.28
N VAL A 652 17.85 -26.66 10.55
CA VAL A 652 18.88 -25.76 10.06
C VAL A 652 19.53 -25.02 11.23
N ILE A 653 18.72 -24.70 12.24
CA ILE A 653 19.20 -24.11 13.51
C ILE A 653 18.53 -24.79 14.73
N THR A 654 19.00 -24.45 15.93
CA THR A 654 18.43 -25.00 17.18
C THR A 654 17.63 -23.94 17.92
N SER A 655 17.04 -24.35 19.05
CA SER A 655 16.27 -23.42 19.89
C SER A 655 17.21 -22.56 20.74
N ALA A 656 18.34 -23.15 21.10
CA ALA A 656 19.45 -22.43 21.72
C ALA A 656 19.97 -21.33 20.80
N ASP A 657 19.93 -21.57 19.48
CA ASP A 657 20.33 -20.57 18.50
C ASP A 657 19.37 -19.38 18.54
N VAL A 658 18.10 -19.65 18.26
CA VAL A 658 17.06 -18.62 18.25
C VAL A 658 17.06 -17.75 19.50
N ARG A 659 17.25 -18.37 20.67
CA ARG A 659 17.21 -17.63 21.93
C ARG A 659 18.41 -16.70 22.02
N ALA A 660 19.58 -17.25 21.72
CA ALA A 660 20.85 -16.52 21.79
C ALA A 660 20.87 -15.34 20.83
N SER A 661 20.26 -15.52 19.67
CA SER A 661 20.17 -14.46 18.68
C SER A 661 19.27 -13.32 19.16
N LEU A 662 18.08 -13.68 19.66
CA LEU A 662 17.14 -12.69 20.22
C LEU A 662 17.77 -11.84 21.32
N GLU A 663 18.54 -12.50 22.20
CA GLU A 663 19.23 -11.84 23.32
C GLU A 663 20.37 -10.94 22.87
N ARG A 664 20.94 -11.21 21.70
CA ARG A 664 21.98 -10.34 21.18
C ARG A 664 21.35 -9.15 20.49
N MET A 665 20.26 -9.39 19.77
CA MET A 665 19.67 -8.33 18.95
C MET A 665 18.84 -7.30 19.73
N ALA A 666 18.27 -7.71 20.86
CA ALA A 666 17.50 -6.80 21.73
C ALA A 666 18.25 -5.55 22.25
N PRO A 667 19.50 -5.71 22.75
CA PRO A 667 20.29 -4.53 23.10
C PRO A 667 20.54 -3.63 21.89
N LEU A 668 20.68 -4.25 20.72
CA LEU A 668 20.96 -3.53 19.49
C LEU A 668 19.75 -2.67 19.16
N VAL A 669 18.57 -3.28 19.21
CA VAL A 669 17.31 -2.56 19.01
C VAL A 669 17.17 -1.44 20.03
N ASP A 670 17.46 -1.75 21.30
CA ASP A 670 17.47 -0.76 22.36
C ASP A 670 18.23 0.51 22.00
N ARG A 671 19.46 0.36 21.52
CA ARG A 671 20.25 1.52 21.14
C ARG A 671 19.67 2.25 19.94
N GLN A 672 19.11 1.49 19.00
CA GLN A 672 18.49 2.09 17.82
C GLN A 672 17.26 2.91 18.15
N ASN A 673 16.77 2.77 19.38
CA ASN A 673 15.70 3.63 19.87
C ASN A 673 16.19 4.51 21.01
N ALA A 674 17.48 4.82 20.98
CA ALA A 674 18.12 5.66 21.99
C ALA A 674 17.53 7.07 22.05
N GLY A 675 17.02 7.55 20.92
CA GLY A 675 16.47 8.89 20.86
C GLY A 675 14.99 9.01 21.22
N ASP A 676 14.42 7.95 21.79
CA ASP A 676 12.99 7.90 22.08
C ASP A 676 12.69 7.89 23.58
N VAL A 677 12.13 8.99 24.06
CA VAL A 677 11.83 9.16 25.47
C VAL A 677 10.90 8.07 26.01
N ALA A 678 9.91 7.70 25.22
CA ALA A 678 8.89 6.75 25.64
C ALA A 678 9.38 5.30 25.65
N TYR A 679 10.57 5.06 25.08
CA TYR A 679 11.07 3.71 24.89
C TYR A 679 11.35 2.95 26.18
N ARG A 680 10.94 1.68 26.21
CA ARG A 680 11.27 0.79 27.30
C ARG A 680 12.27 -0.26 26.81
N PRO A 681 13.48 -0.26 27.38
CA PRO A 681 14.46 -1.26 26.92
C PRO A 681 13.95 -2.68 27.16
N MET A 682 14.41 -3.61 26.31
CA MET A 682 14.08 -5.03 26.44
C MET A 682 15.20 -5.73 27.22
N ALA A 683 16.38 -5.13 27.18
CA ALA A 683 17.53 -5.64 27.88
C ALA A 683 17.71 -4.85 29.18
N PRO A 684 18.12 -5.54 30.26
CA PRO A 684 18.51 -6.95 30.27
C PRO A 684 17.41 -7.90 30.75
N ASN A 685 16.27 -7.35 31.17
CA ASN A 685 15.19 -8.18 31.68
C ASN A 685 14.30 -8.76 30.58
N PHE A 686 14.88 -9.69 29.83
CA PHE A 686 14.25 -10.23 28.64
C PHE A 686 12.90 -10.87 28.88
N ASP A 687 12.82 -11.77 29.85
CA ASP A 687 11.58 -12.48 30.09
C ASP A 687 10.51 -11.62 30.77
N ASP A 688 10.86 -10.38 31.10
CA ASP A 688 9.89 -9.44 31.69
C ASP A 688 9.40 -8.43 30.67
N SER A 689 9.94 -8.49 29.46
CA SER A 689 9.45 -7.64 28.38
C SER A 689 8.36 -8.37 27.59
N ILE A 690 7.20 -7.74 27.46
CA ILE A 690 6.08 -8.30 26.71
C ILE A 690 6.44 -8.30 25.22
N ALA A 691 7.12 -7.24 24.80
CA ALA A 691 7.66 -7.10 23.44
C ALA A 691 8.64 -8.23 23.10
N PHE A 692 9.56 -8.53 24.00
CA PHE A 692 10.56 -9.57 23.76
C PHE A 692 9.89 -10.94 23.67
N LEU A 693 9.01 -11.21 24.64
CA LEU A 693 8.26 -12.46 24.65
C LEU A 693 7.38 -12.66 23.42
N ALA A 694 6.83 -11.56 22.88
CA ALA A 694 6.03 -11.59 21.67
C ALA A 694 6.90 -11.96 20.45
N ALA A 695 8.05 -11.31 20.31
CA ALA A 695 8.97 -11.61 19.24
C ALA A 695 9.29 -13.10 19.28
N GLN A 696 9.57 -13.60 20.49
CA GLN A 696 9.95 -15.00 20.68
C GLN A 696 8.81 -15.96 20.37
N GLU A 697 7.59 -15.57 20.74
CA GLU A 697 6.41 -16.39 20.52
C GLU A 697 6.14 -16.53 19.02
N LEU A 698 6.17 -15.41 18.30
CA LEU A 698 5.97 -15.40 16.85
C LEU A 698 6.88 -16.43 16.16
N ILE A 699 8.12 -16.54 16.62
CA ILE A 699 9.06 -17.50 16.06
C ILE A 699 8.81 -18.94 16.51
N LEU A 700 8.74 -19.16 17.83
CA LEU A 700 8.58 -20.51 18.36
C LEU A 700 7.17 -21.11 18.14
N SER A 701 6.15 -20.26 18.07
CA SER A 701 4.78 -20.73 17.77
C SER A 701 4.44 -20.53 16.30
N GLY A 702 5.41 -20.10 15.52
CA GLY A 702 5.16 -19.69 14.15
C GLY A 702 4.57 -20.76 13.25
N ALA A 703 5.12 -21.96 13.30
CA ALA A 703 4.66 -23.05 12.46
C ALA A 703 3.18 -23.38 12.66
N GLN A 704 2.64 -23.02 13.82
CA GLN A 704 1.27 -23.41 14.20
C GLN A 704 0.24 -22.35 13.90
N GLN A 705 0.69 -21.12 13.59
CA GLN A 705 -0.23 -20.04 13.25
C GLN A 705 -0.87 -20.28 11.88
N PRO A 706 -2.18 -19.97 11.76
CA PRO A 706 -2.88 -20.18 10.48
C PRO A 706 -2.28 -19.33 9.36
N ASN A 707 -1.71 -20.01 8.36
CA ASN A 707 -1.07 -19.37 7.22
C ASN A 707 0.01 -18.41 7.64
N GLY A 708 0.62 -18.65 8.79
CA GLY A 708 1.68 -17.78 9.29
C GLY A 708 1.27 -16.40 9.79
N TYR A 709 -0.03 -16.15 9.86
CA TYR A 709 -0.52 -14.82 10.26
C TYR A 709 -0.01 -14.40 11.65
N THR A 710 0.34 -13.13 11.79
CA THR A 710 0.97 -12.66 13.01
C THR A 710 -0.02 -11.92 13.91
N GLU A 711 -1.18 -11.56 13.37
CA GLU A 711 -2.19 -10.80 14.11
C GLU A 711 -2.61 -11.44 15.46
N PRO A 712 -2.93 -12.75 15.48
CA PRO A 712 -3.33 -13.42 16.74
C PRO A 712 -2.36 -13.24 17.87
N ILE A 713 -1.08 -13.52 17.62
CA ILE A 713 -0.10 -13.37 18.67
C ILE A 713 0.14 -11.89 18.98
N LEU A 714 0.27 -11.08 17.93
CA LEU A 714 0.55 -9.67 18.10
C LEU A 714 -0.56 -8.96 18.85
N HIS A 715 -1.81 -9.10 18.38
CA HIS A 715 -2.94 -8.45 19.01
C HIS A 715 -3.06 -8.81 20.48
N ARG A 716 -2.86 -10.09 20.77
CA ARG A 716 -2.99 -10.57 22.14
C ARG A 716 -1.95 -9.94 23.04
N ARG A 717 -0.75 -9.74 22.49
CA ARG A 717 0.36 -9.24 23.29
C ARG A 717 0.25 -7.73 23.51
N ARG A 718 -0.32 -7.04 22.53
CA ARG A 718 -0.56 -5.61 22.64
C ARG A 718 -1.69 -5.37 23.65
N ARG A 719 -2.62 -6.30 23.70
CA ARG A 719 -3.70 -6.18 24.66
C ARG A 719 -3.17 -6.49 26.05
N GLU A 720 -2.21 -7.40 26.13
CA GLU A 720 -1.53 -7.67 27.41
C GLU A 720 -0.76 -6.45 27.91
N PHE A 721 -0.05 -5.75 27.03
CA PHE A 721 0.63 -4.51 27.41
C PHE A 721 -0.35 -3.41 27.87
N LYS A 722 -1.48 -3.31 27.18
CA LYS A 722 -2.50 -2.30 27.49
C LYS A 722 -3.01 -2.49 28.91
N ALA A 723 -3.12 -3.74 29.35
CA ALA A 723 -3.61 -4.07 30.67
C ALA A 723 -2.59 -3.75 31.78
N ARG A 724 -1.31 -3.99 31.52
CA ARG A 724 -0.26 -3.68 32.51
C ARG A 724 -0.08 -2.17 32.60
N ALA A 725 -0.51 -1.48 31.56
CA ALA A 725 -0.45 -0.03 31.52
C ALA A 725 -1.69 0.56 32.16
N ALA A 726 -2.72 -0.28 32.32
CA ALA A 726 -4.00 0.16 32.87
C ALA A 726 -3.93 0.19 34.40
N GLU A 727 -2.83 -0.33 34.93
CA GLU A 727 -2.58 -0.35 36.36
C GLU A 727 -1.90 0.94 36.83
MG MG B . 5.76 9.30 -24.75
MG MG C . 0.31 -7.31 2.86
O2 4WL D . 4.63 -3.50 1.78
C1 4WL D . 5.29 -2.76 2.56
O3 4WL D . 6.49 -2.93 2.86
C4 4WL D . 4.53 -1.49 3.21
C5 4WL D . 5.05 -0.43 4.01
C6 4WL D . 3.95 0.43 4.32
C7 4WL D . 2.81 -0.12 3.71
N8 4WL D . 3.18 -1.28 3.04
S11 4WL D . 3.50 1.88 5.16
C10 4WL D . 1.85 1.73 4.66
C9 4WL D . 1.62 0.62 3.91
#